data_6FJ1
#
_entry.id   6FJ1
#
_cell.length_a   208.540
_cell.length_b   131.970
_cell.length_c   70.090
_cell.angle_alpha   90.000
_cell.angle_beta   90.140
_cell.angle_gamma   90.000
#
_symmetry.space_group_name_H-M   'C 1 2 1'
#
loop_
_entity.id
_entity.type
_entity.pdbx_description
1 polymer L,D-TRANSPEPTIDASE
2 non-polymer 3,6,9,12,15-PENTAOXAHEPTADECANE
3 non-polymer (2S,5R)-1-formyl-5-[(sulfooxy)amino]piperidine-2-carboxamide
4 non-polymer GLYCEROL
5 non-polymer 'CHLORIDE ION'
6 water water
#
_entity_poly.entity_id   1
_entity_poly.type   'polypeptide(L)'
_entity_poly.pdbx_seq_one_letter_code
;GLKEQLASMNAIANVKATYSINGETFQIPSSDIMSWLTYNDGKVDLDTEQVRQYVTDLGTKYNTSTNDTKFKSTKRGEVT
VPVGTYSWTIQTDSETEALKKAILAGQDFTRSPIVQGGTTADHPLIEDTYIEVDLENQHMWYYKDGKVALETDIVSGKPT
TPTPAGVFYVWNKEEDATLKGTNGTPYESPVNYWMPIDWTGVGIHDSDWQPEYGGDLWKTRGSHGCINTPPSVMKELFGM
VEKGTPVLVFGSHHHHHH
;
_entity_poly.pdbx_strand_id   A,B,C
#
loop_
_chem_comp.id
_chem_comp.type
_chem_comp.name
_chem_comp.formula
CL non-polymer 'CHLORIDE ION' 'Cl -1'
GOL non-polymer GLYCEROL 'C3 H8 O3'
NXL non-polymer (2S,5R)-1-formyl-5-[(sulfooxy)amino]piperidine-2-carboxamide 'C7 H13 N3 O6 S'
P3G non-polymer 3,6,9,12,15-PENTAOXAHEPTADECANE 'C12 H26 O5'
#
# COMPACT_ATOMS: atom_id res chain seq x y z
N GLY A 1 2.72 -28.24 34.21
CA GLY A 1 1.81 -27.74 35.26
C GLY A 1 0.47 -27.52 34.64
N LEU A 2 -0.41 -28.50 34.73
CA LEU A 2 -1.74 -28.31 34.21
C LEU A 2 -2.44 -27.10 34.87
N LYS A 3 -2.23 -26.88 36.16
CA LYS A 3 -2.79 -25.70 36.84
C LYS A 3 -2.47 -24.40 36.04
N GLU A 4 -1.18 -24.31 35.67
CA GLU A 4 -0.58 -23.12 35.05
C GLU A 4 -1.07 -22.99 33.63
N GLN A 5 -1.07 -24.10 32.91
CA GLN A 5 -1.54 -24.14 31.52
C GLN A 5 -2.98 -23.77 31.32
N LEU A 6 -3.81 -24.06 32.31
CA LEU A 6 -5.21 -23.67 32.21
C LEU A 6 -5.35 -22.18 32.48
N ALA A 7 -4.56 -21.64 33.41
CA ALA A 7 -4.51 -20.19 33.62
C ALA A 7 -4.02 -19.44 32.37
N SER A 8 -3.00 -20.01 31.71
CA SER A 8 -2.53 -19.59 30.38
C SER A 8 -3.67 -19.53 29.37
N MET A 9 -4.44 -20.61 29.27
CA MET A 9 -5.53 -20.68 28.30
C MET A 9 -6.53 -19.58 28.61
N ASN A 10 -6.77 -19.29 29.89
CA ASN A 10 -7.71 -18.23 30.26
C ASN A 10 -7.24 -16.89 29.71
N ALA A 11 -5.99 -16.57 30.06
CA ALA A 11 -5.32 -15.33 29.68
C ALA A 11 -5.35 -15.09 28.18
N ILE A 12 -4.91 -16.12 27.46
CA ILE A 12 -4.84 -16.10 26.00
C ILE A 12 -6.20 -15.73 25.44
N ALA A 13 -7.23 -16.40 25.90
CA ALA A 13 -8.56 -16.16 25.35
C ALA A 13 -9.05 -14.75 25.61
N ASN A 14 -8.55 -14.18 26.70
CA ASN A 14 -8.86 -12.82 27.07
C ASN A 14 -7.86 -11.76 26.51
N VAL A 15 -7.08 -12.08 25.49
CA VAL A 15 -6.11 -11.08 25.00
C VAL A 15 -6.77 -10.15 24.01
N LYS A 16 -6.41 -8.88 24.11
CA LYS A 16 -6.90 -7.86 23.19
C LYS A 16 -5.83 -7.75 22.09
N ALA A 17 -6.03 -8.44 20.98
CA ALA A 17 -5.09 -8.43 19.85
C ALA A 17 -5.55 -7.40 18.85
N THR A 18 -4.80 -6.31 18.70
CA THR A 18 -5.18 -5.21 17.81
C THR A 18 -4.28 -5.15 16.54
N TYR A 19 -4.89 -4.96 15.39
CA TYR A 19 -4.14 -4.82 14.14
C TYR A 19 -4.22 -3.39 13.69
N SER A 20 -3.12 -2.88 13.16
CA SER A 20 -3.17 -1.63 12.44
C SER A 20 -2.74 -1.86 11.01
N ILE A 21 -3.66 -1.65 10.06
CA ILE A 21 -3.41 -1.99 8.67
C ILE A 21 -3.93 -0.93 7.77
N ASN A 22 -3.04 -0.38 6.94
CA ASN A 22 -3.38 0.68 5.98
C ASN A 22 -4.16 1.83 6.61
N GLY A 23 -4.02 2.07 7.91
CA GLY A 23 -4.71 3.15 8.57
C GLY A 23 -5.83 2.69 9.44
N GLU A 24 -6.64 1.72 8.97
CA GLU A 24 -7.67 1.12 9.82
C GLU A 24 -7.04 0.38 11.04
N THR A 25 -7.74 0.47 12.15
CA THR A 25 -7.36 -0.20 13.38
C THR A 25 -8.52 -0.99 13.90
N PHE A 26 -8.26 -2.23 14.29
CA PHE A 26 -9.31 -3.06 14.85
C PHE A 26 -8.78 -4.13 15.74
N GLN A 27 -9.67 -4.72 16.53
CA GLN A 27 -9.35 -5.75 17.51
C GLN A 27 -9.81 -7.12 16.99
N ILE A 28 -9.01 -8.16 17.16
CA ILE A 28 -9.44 -9.49 16.74
C ILE A 28 -10.41 -9.91 17.82
N PRO A 29 -11.61 -10.34 17.43
CA PRO A 29 -12.70 -10.73 18.36
C PRO A 29 -12.40 -11.91 19.28
N SER A 30 -12.73 -11.78 20.58
CA SER A 30 -12.50 -12.86 21.55
C SER A 30 -13.08 -14.21 21.13
N SER A 31 -14.20 -14.16 20.42
CA SER A 31 -14.84 -15.37 19.93
C SER A 31 -13.94 -16.09 18.91
N ASP A 32 -13.25 -15.33 18.06
CA ASP A 32 -12.31 -15.91 17.10
C ASP A 32 -11.07 -16.56 17.81
N ILE A 33 -10.64 -15.96 18.90
CA ILE A 33 -9.51 -16.50 19.62
C ILE A 33 -9.92 -17.76 20.40
N MET A 34 -11.05 -17.77 21.13
CA MET A 34 -11.51 -19.00 21.85
C MET A 34 -11.67 -20.14 20.83
N SER A 35 -12.11 -19.80 19.62
CA SER A 35 -12.20 -20.80 18.57
C SER A 35 -10.83 -21.49 18.32
N TRP A 36 -9.84 -20.62 18.09
CA TRP A 36 -8.48 -20.99 17.76
C TRP A 36 -7.69 -21.77 18.85
N LEU A 37 -7.93 -21.47 20.13
CA LEU A 37 -7.34 -22.24 21.21
C LEU A 37 -7.46 -23.74 21.03
N THR A 38 -6.32 -24.35 21.38
CA THR A 38 -6.08 -25.78 21.35
C THR A 38 -5.24 -26.24 22.54
N TYR A 39 -5.39 -27.52 22.90
CA TYR A 39 -4.60 -28.17 23.93
C TYR A 39 -4.51 -29.63 23.54
N ASN A 40 -3.28 -30.14 23.44
CA ASN A 40 -3.02 -31.45 22.83
C ASN A 40 -1.69 -31.98 23.30
N ASP A 41 -1.65 -33.17 23.89
CA ASP A 41 -0.39 -33.71 24.42
C ASP A 41 0.22 -32.70 25.36
N GLY A 42 -0.58 -32.15 26.25
CA GLY A 42 -0.04 -31.22 27.22
C GLY A 42 0.51 -29.90 26.74
N LYS A 43 0.36 -29.59 25.45
CA LYS A 43 0.88 -28.35 24.85
C LYS A 43 -0.29 -27.41 24.54
N VAL A 44 -0.25 -26.18 25.05
CA VAL A 44 -1.17 -25.12 24.59
C VAL A 44 -0.71 -24.54 23.24
N ASP A 45 -1.60 -24.34 22.27
CA ASP A 45 -1.23 -23.77 20.95
C ASP A 45 -2.49 -23.14 20.33
N LEU A 46 -2.41 -22.73 19.06
CA LEU A 46 -3.55 -22.27 18.28
C LEU A 46 -3.67 -23.08 16.99
N ASP A 47 -4.90 -23.23 16.48
CA ASP A 47 -5.14 -23.96 15.26
C ASP A 47 -4.55 -23.20 14.08
N THR A 48 -3.37 -23.60 13.63
CA THR A 48 -2.71 -22.94 12.51
C THR A 48 -3.64 -22.82 11.29
N GLU A 49 -4.40 -23.85 10.96
CA GLU A 49 -5.22 -23.78 9.76
C GLU A 49 -6.13 -22.55 9.83
N GLN A 50 -6.80 -22.38 10.98
CA GLN A 50 -7.73 -21.27 11.20
C GLN A 50 -7.04 -19.90 11.29
N VAL A 51 -5.90 -19.81 11.93
CA VAL A 51 -5.17 -18.54 12.03
C VAL A 51 -4.70 -18.15 10.64
N ARG A 52 -4.20 -19.11 9.90
CA ARG A 52 -3.77 -18.84 8.56
C ARG A 52 -4.93 -18.35 7.71
N GLN A 53 -6.12 -18.92 7.88
CA GLN A 53 -7.30 -18.39 7.19
C GLN A 53 -7.48 -16.90 7.51
N TYR A 54 -7.53 -16.57 8.81
CA TYR A 54 -7.69 -15.18 9.22
C TYR A 54 -6.70 -14.28 8.54
N VAL A 55 -5.42 -14.65 8.56
CA VAL A 55 -4.39 -13.83 7.95
C VAL A 55 -4.54 -13.76 6.43
N THR A 56 -4.94 -14.86 5.83
CA THR A 56 -5.23 -14.86 4.40
C THR A 56 -6.32 -13.86 4.03
N ASP A 57 -7.36 -13.79 4.87
CA ASP A 57 -8.49 -12.90 4.67
C ASP A 57 -8.07 -11.44 4.87
N LEU A 58 -7.32 -11.12 5.94
CA LEU A 58 -6.65 -9.81 6.04
C LEU A 58 -5.98 -9.40 4.71
N GLY A 59 -5.39 -10.36 4.02
CA GLY A 59 -4.73 -10.05 2.77
C GLY A 59 -5.73 -9.68 1.72
N THR A 60 -6.74 -10.53 1.59
CA THR A 60 -7.85 -10.34 0.69
C THR A 60 -8.53 -8.98 0.90
N LYS A 61 -8.92 -8.68 2.16
CA LYS A 61 -9.46 -7.36 2.55
C LYS A 61 -8.54 -6.18 2.23
N TYR A 62 -7.29 -6.21 2.72
CA TYR A 62 -6.47 -4.99 2.81
C TYR A 62 -5.33 -4.79 1.81
N ASN A 63 -4.82 -5.85 1.21
CA ASN A 63 -3.62 -5.73 0.39
C ASN A 63 -3.77 -4.68 -0.69
N THR A 64 -2.84 -3.73 -0.72
CA THR A 64 -2.78 -2.70 -1.71
C THR A 64 -2.29 -3.19 -3.06
N SER A 65 -1.87 -4.44 -3.10
CA SER A 65 -1.50 -5.06 -4.36
C SER A 65 -2.70 -5.59 -5.13
N THR A 66 -3.85 -5.72 -4.46
CA THR A 66 -5.05 -6.29 -5.08
C THR A 66 -6.34 -5.52 -4.76
N ASN A 67 -6.20 -4.35 -4.12
CA ASN A 67 -7.34 -3.57 -3.71
C ASN A 67 -7.05 -2.14 -4.10
N ASP A 68 -7.99 -1.44 -4.76
CA ASP A 68 -7.66 -0.10 -5.28
C ASP A 68 -7.64 0.88 -4.11
N THR A 69 -7.28 2.13 -4.38
CA THR A 69 -7.06 3.10 -3.30
C THR A 69 -8.04 4.28 -3.43
N LYS A 70 -8.77 4.56 -2.36
CA LYS A 70 -9.61 5.74 -2.35
C LYS A 70 -8.74 6.95 -2.07
N PHE A 71 -8.87 7.97 -2.89
CA PHE A 71 -7.96 9.13 -2.90
C PHE A 71 -8.76 10.39 -2.95
N LYS A 72 -8.58 11.28 -1.97
CA LYS A 72 -9.16 12.63 -1.98
C LYS A 72 -8.43 13.54 -2.98
N SER A 73 -8.99 13.73 -4.17
CA SER A 73 -8.34 14.56 -5.20
C SER A 73 -8.49 16.02 -4.91
N THR A 74 -7.82 16.80 -5.73
CA THR A 74 -7.78 18.23 -5.58
C THR A 74 -9.05 18.80 -6.20
N LYS A 75 -9.39 18.37 -7.42
CA LYS A 75 -10.51 18.99 -8.12
C LYS A 75 -11.84 18.19 -8.20
N ARG A 76 -11.87 16.97 -7.69
CA ARG A 76 -12.99 16.05 -7.94
C ARG A 76 -13.53 15.27 -6.72
N GLY A 77 -13.06 15.57 -5.52
CA GLY A 77 -13.43 14.82 -4.29
C GLY A 77 -12.84 13.43 -4.27
N GLU A 78 -13.45 12.51 -3.53
CA GLU A 78 -12.91 11.15 -3.36
C GLU A 78 -13.17 10.35 -4.59
N VAL A 79 -12.06 9.95 -5.22
CA VAL A 79 -12.06 9.06 -6.38
C VAL A 79 -11.32 7.79 -6.10
N THR A 80 -11.43 6.81 -7.01
CA THR A 80 -10.79 5.52 -6.86
C THR A 80 -9.63 5.45 -7.85
N VAL A 81 -8.41 5.39 -7.33
CA VAL A 81 -7.17 5.16 -8.08
C VAL A 81 -6.79 3.67 -8.05
N PRO A 82 -6.71 3.04 -9.23
CA PRO A 82 -6.50 1.59 -9.26
C PRO A 82 -5.11 1.19 -8.84
N VAL A 83 -4.91 -0.13 -8.73
CA VAL A 83 -3.69 -0.64 -8.22
C VAL A 83 -2.61 -0.28 -9.22
N GLY A 84 -1.42 0.01 -8.68
CA GLY A 84 -0.24 0.21 -9.48
C GLY A 84 1.01 -0.36 -8.85
N THR A 85 2.13 0.29 -9.08
CA THR A 85 3.41 -0.21 -8.63
C THR A 85 3.68 0.06 -7.16
N TYR A 86 3.00 1.01 -6.55
CA TYR A 86 3.22 1.32 -5.16
C TYR A 86 2.21 0.54 -4.39
N SER A 87 2.64 -0.57 -3.83
CA SER A 87 1.77 -1.48 -3.16
C SER A 87 2.54 -2.42 -2.22
N TRP A 88 1.78 -3.21 -1.47
CA TRP A 88 2.31 -4.17 -0.56
C TRP A 88 1.41 -5.38 -0.42
N THR A 89 1.98 -6.47 0.05
CA THR A 89 1.26 -7.73 0.19
C THR A 89 1.64 -8.44 1.49
N ILE A 90 0.66 -8.83 2.27
CA ILE A 90 0.90 -9.48 3.52
C ILE A 90 1.48 -10.85 3.22
N GLN A 91 2.55 -11.19 3.89
CA GLN A 91 3.19 -12.48 3.74
C GLN A 91 2.54 -13.42 4.71
N THR A 92 1.80 -14.36 4.16
CA THR A 92 0.85 -15.09 4.97
C THR A 92 1.47 -15.98 6.00
N ASP A 93 2.50 -16.71 5.62
CA ASP A 93 3.09 -17.66 6.57
C ASP A 93 3.91 -16.98 7.65
N SER A 94 4.69 -15.96 7.28
CA SER A 94 5.36 -15.13 8.30
C SER A 94 4.36 -14.55 9.29
N GLU A 95 3.25 -13.94 8.79
CA GLU A 95 2.31 -13.29 9.70
C GLU A 95 1.60 -14.24 10.56
N THR A 96 1.32 -15.43 10.02
CA THR A 96 0.60 -16.44 10.80
C THR A 96 1.43 -16.80 12.03
N GLU A 97 2.72 -17.09 11.82
CA GLU A 97 3.59 -17.46 12.95
C GLU A 97 3.73 -16.28 13.92
N ALA A 98 3.89 -15.06 13.41
CA ALA A 98 3.98 -13.88 14.28
C ALA A 98 2.77 -13.67 15.12
N LEU A 99 1.58 -13.83 14.52
CA LEU A 99 0.31 -13.64 15.21
C LEU A 99 0.07 -14.70 16.28
N LYS A 100 0.30 -15.96 15.94
CA LYS A 100 0.30 -17.01 16.97
C LYS A 100 1.19 -16.66 18.15
N LYS A 101 2.45 -16.33 17.88
CA LYS A 101 3.39 -16.06 18.94
C LYS A 101 2.87 -14.94 19.84
N ALA A 102 2.33 -13.87 19.23
CA ALA A 102 1.81 -12.71 19.99
C ALA A 102 0.65 -13.08 20.94
N ILE A 103 -0.26 -13.90 20.41
CA ILE A 103 -1.44 -14.30 21.11
C ILE A 103 -1.06 -15.29 22.22
N LEU A 104 -0.28 -16.30 21.93
CA LEU A 104 0.07 -17.28 22.96
C LEU A 104 0.89 -16.66 24.10
N ALA A 105 1.57 -15.56 23.84
CA ALA A 105 2.20 -14.79 24.92
C ALA A 105 1.20 -14.23 25.93
N GLY A 106 -0.01 -14.01 25.48
CA GLY A 106 -1.05 -13.63 26.40
C GLY A 106 -0.94 -12.23 26.94
N GLN A 107 -0.24 -11.35 26.27
CA GLN A 107 -0.16 -9.96 26.73
C GLN A 107 -0.87 -9.21 25.61
N ASP A 108 -1.65 -8.21 25.95
CA ASP A 108 -2.33 -7.37 24.96
C ASP A 108 -1.30 -6.73 24.05
N PHE A 109 -1.64 -6.50 22.79
CA PHE A 109 -0.67 -6.05 21.77
C PHE A 109 -1.30 -5.38 20.59
N THR A 110 -0.49 -4.59 19.91
CA THR A 110 -0.85 -3.99 18.62
C THR A 110 0.24 -4.30 17.60
N ARG A 111 -0.14 -4.62 16.37
CA ARG A 111 0.83 -4.88 15.35
C ARG A 111 0.34 -4.46 13.99
N SER A 112 1.27 -4.23 13.08
CA SER A 112 0.97 -4.14 11.67
C SER A 112 1.63 -5.32 11.02
N PRO A 113 1.07 -5.81 9.93
CA PRO A 113 1.56 -7.10 9.53
C PRO A 113 2.82 -7.04 8.66
N ILE A 114 3.44 -8.22 8.61
CA ILE A 114 4.58 -8.46 7.81
C ILE A 114 4.20 -8.45 6.35
N VAL A 115 4.75 -7.53 5.58
CA VAL A 115 4.48 -7.40 4.17
C VAL A 115 5.72 -7.33 3.32
N GLN A 116 5.52 -7.47 2.03
CA GLN A 116 6.56 -7.35 1.04
C GLN A 116 6.03 -6.28 0.09
N GLY A 117 6.81 -5.26 -0.20
CA GLY A 117 6.43 -4.27 -1.23
C GLY A 117 7.01 -2.88 -1.02
N GLY A 118 6.53 -1.92 -1.76
CA GLY A 118 7.09 -0.57 -1.66
C GLY A 118 7.10 0.13 -0.31
N THR A 119 6.28 -0.29 0.64
CA THR A 119 6.35 0.23 2.02
C THR A 119 5.66 -0.69 3.00
N THR A 120 5.38 -0.24 4.20
CA THR A 120 4.71 -1.07 5.17
C THR A 120 3.23 -0.72 5.33
N ALA A 121 2.57 -1.56 6.13
CA ALA A 121 1.16 -1.40 6.41
C ALA A 121 0.88 -0.67 7.73
N ASP A 122 1.95 -0.20 8.37
CA ASP A 122 1.81 0.56 9.59
C ASP A 122 1.24 1.93 9.41
N HIS A 123 0.95 2.34 8.19
CA HIS A 123 0.43 3.68 7.88
C HIS A 123 -0.41 3.59 6.61
N PRO A 124 -1.26 4.57 6.38
CA PRO A 124 -2.00 4.53 5.12
C PRO A 124 -1.07 4.68 3.93
N LEU A 125 -1.39 3.99 2.85
CA LEU A 125 -0.56 4.01 1.66
C LEU A 125 -0.27 5.42 1.21
N ILE A 126 -1.28 6.27 1.19
CA ILE A 126 -1.09 7.66 0.82
C ILE A 126 -1.29 8.53 2.07
N GLU A 127 -0.37 9.45 2.34
CA GLU A 127 -0.48 10.36 3.49
C GLU A 127 -0.51 11.80 2.99
N ASP A 128 0.25 12.74 3.63
CA ASP A 128 0.22 14.17 3.26
C ASP A 128 1.17 14.51 2.09
N THR A 129 2.02 13.59 1.64
CA THR A 129 3.01 13.93 0.61
C THR A 129 2.88 13.02 -0.62
N TYR A 130 2.68 13.62 -1.81
CA TYR A 130 2.46 12.83 -3.05
C TYR A 130 2.39 13.73 -4.26
N ILE A 131 2.49 13.14 -5.43
CA ILE A 131 2.21 13.85 -6.66
C ILE A 131 0.87 13.35 -7.14
N GLU A 132 -0.03 14.28 -7.43
CA GLU A 132 -1.36 14.00 -8.02
C GLU A 132 -1.32 14.38 -9.49
N VAL A 133 -1.73 13.50 -10.36
CA VAL A 133 -1.82 13.79 -11.78
C VAL A 133 -3.26 13.57 -12.23
N ASP A 134 -4.01 14.66 -12.37
CA ASP A 134 -5.42 14.59 -12.75
C ASP A 134 -5.40 14.58 -14.24
N LEU A 135 -5.67 13.42 -14.84
CA LEU A 135 -5.55 13.32 -16.28
C LEU A 135 -6.67 14.03 -17.00
N GLU A 136 -7.89 14.05 -16.42
CA GLU A 136 -9.02 14.80 -17.00
C GLU A 136 -8.71 16.29 -17.13
N ASN A 137 -8.36 16.94 -16.03
CA ASN A 137 -7.95 18.38 -16.04
C ASN A 137 -6.53 18.61 -16.60
N GLN A 138 -5.82 17.53 -16.88
CA GLN A 138 -4.51 17.56 -17.49
C GLN A 138 -3.54 18.50 -16.73
N HIS A 139 -3.42 18.20 -15.45
CA HIS A 139 -2.79 19.09 -14.47
C HIS A 139 -2.18 18.22 -13.32
N MET A 140 -1.14 18.74 -12.66
CA MET A 140 -0.34 17.98 -11.70
C MET A 140 -0.01 18.82 -10.48
N TRP A 141 -0.10 18.22 -9.30
CA TRP A 141 0.29 18.90 -8.05
C TRP A 141 1.31 18.08 -7.32
N TYR A 142 2.14 18.74 -6.52
CA TYR A 142 3.04 18.04 -5.61
C TYR A 142 2.65 18.54 -4.25
N TYR A 143 2.11 17.68 -3.43
CA TYR A 143 1.70 18.06 -2.09
C TYR A 143 2.86 17.63 -1.21
N LYS A 144 3.21 18.47 -0.25
CA LYS A 144 4.24 18.19 0.73
C LYS A 144 3.71 18.57 2.08
N ASP A 145 3.75 17.65 3.03
CA ASP A 145 3.15 17.84 4.38
C ASP A 145 1.82 18.60 4.41
N GLY A 146 0.90 18.25 3.49
CA GLY A 146 -0.45 18.77 3.50
C GLY A 146 -0.67 19.86 2.49
N LYS A 147 0.37 20.64 2.19
CA LYS A 147 0.23 21.90 1.45
C LYS A 147 0.80 21.69 0.06
N VAL A 148 0.19 22.32 -0.95
CA VAL A 148 0.65 22.25 -2.32
C VAL A 148 1.97 22.96 -2.38
N ALA A 149 3.01 22.30 -2.82
CA ALA A 149 4.29 22.96 -2.93
C ALA A 149 4.57 23.35 -4.36
N LEU A 150 3.80 22.85 -5.31
CA LEU A 150 4.07 23.19 -6.69
C LEU A 150 2.98 22.57 -7.54
N GLU A 151 2.64 23.23 -8.64
CA GLU A 151 1.63 22.69 -9.54
C GLU A 151 1.82 23.17 -10.94
N THR A 152 1.14 22.56 -11.91
CA THR A 152 1.38 22.86 -13.31
C THR A 152 0.48 22.05 -14.25
N ASP A 153 0.17 22.63 -15.41
CA ASP A 153 -0.48 21.90 -16.48
C ASP A 153 0.56 20.92 -16.98
N ILE A 154 0.10 19.85 -17.65
CA ILE A 154 1.00 18.83 -18.20
C ILE A 154 0.45 18.33 -19.53
N VAL A 155 1.16 17.42 -20.16
CA VAL A 155 0.62 16.70 -21.31
C VAL A 155 0.82 15.19 -21.17
N SER A 156 -0.30 14.47 -21.02
CA SER A 156 -0.35 13.02 -20.82
C SER A 156 -0.08 12.34 -22.16
N GLY A 157 -0.27 11.03 -22.21
CA GLY A 157 -0.11 10.28 -23.43
C GLY A 157 -1.31 10.42 -24.36
N LYS A 158 -1.03 10.42 -25.67
CA LYS A 158 -2.04 10.46 -26.74
C LYS A 158 -2.97 9.25 -26.69
N PRO A 159 -4.19 9.36 -27.23
CA PRO A 159 -5.17 8.29 -26.94
C PRO A 159 -4.83 6.90 -27.46
N THR A 160 -4.02 6.78 -28.52
CA THR A 160 -3.54 5.45 -28.95
C THR A 160 -2.59 4.79 -27.91
N THR A 161 -1.75 5.60 -27.25
CA THR A 161 -0.81 5.16 -26.19
C THR A 161 -0.95 6.03 -24.91
N PRO A 162 -2.04 5.81 -24.14
CA PRO A 162 -2.39 6.73 -23.07
C PRO A 162 -1.58 6.50 -21.80
N THR A 163 -1.45 7.54 -20.97
CA THR A 163 -0.91 7.33 -19.62
C THR A 163 -1.87 6.47 -18.81
N PRO A 164 -1.38 5.37 -18.21
CA PRO A 164 -2.25 4.52 -17.39
C PRO A 164 -2.51 5.13 -16.01
N ALA A 165 -3.64 4.77 -15.41
CA ALA A 165 -3.92 5.23 -14.08
C ALA A 165 -3.38 4.23 -13.11
N GLY A 166 -3.09 4.68 -11.91
CA GLY A 166 -2.79 3.79 -10.81
C GLY A 166 -2.03 4.52 -9.72
N VAL A 167 -1.77 3.77 -8.64
CA VAL A 167 -0.97 4.26 -7.52
C VAL A 167 0.42 3.86 -7.87
N PHE A 168 1.19 4.83 -8.31
CA PHE A 168 2.55 4.62 -8.72
C PHE A 168 3.47 5.27 -7.71
N TYR A 169 4.78 5.24 -7.95
CA TYR A 169 5.74 6.05 -7.15
C TYR A 169 6.99 6.31 -7.88
N VAL A 170 7.68 7.36 -7.44
CA VAL A 170 9.00 7.73 -7.95
C VAL A 170 10.04 6.72 -7.45
N TRP A 171 10.36 5.75 -8.29
CA TRP A 171 11.25 4.70 -7.86
C TRP A 171 12.71 5.01 -8.12
N ASN A 172 12.99 5.91 -9.04
CA ASN A 172 14.34 6.38 -9.21
C ASN A 172 14.37 7.83 -9.66
N LYS A 173 15.47 8.52 -9.45
CA LYS A 173 15.72 9.80 -10.12
C LYS A 173 17.04 9.75 -10.86
N GLU A 174 17.05 10.39 -12.02
CA GLU A 174 18.10 10.33 -13.00
C GLU A 174 18.18 11.73 -13.62
N GLU A 175 19.40 12.18 -13.87
CA GLU A 175 19.65 13.46 -14.51
C GLU A 175 20.26 13.21 -15.92
N ASP A 176 20.16 14.22 -16.78
CA ASP A 176 20.68 14.17 -18.16
C ASP A 176 20.63 12.76 -18.78
N ALA A 177 19.47 12.13 -18.71
CA ALA A 177 19.30 10.78 -19.22
C ALA A 177 18.65 10.83 -20.58
N THR A 178 18.63 9.67 -21.24
CA THR A 178 18.22 9.60 -22.63
C THR A 178 17.31 8.41 -22.77
N LEU A 179 16.07 8.65 -23.17
CA LEU A 179 15.06 7.58 -23.16
C LEU A 179 14.88 6.97 -24.54
N LYS A 180 14.64 5.66 -24.58
CA LYS A 180 14.46 4.89 -25.82
C LYS A 180 12.94 4.58 -26.06
N GLY A 181 12.46 4.60 -27.31
CA GLY A 181 11.04 4.26 -27.65
C GLY A 181 10.76 3.48 -28.94
N THR A 182 9.53 3.55 -29.48
CA THR A 182 9.12 2.84 -30.73
C THR A 182 8.01 3.58 -31.53
N ASN A 183 8.05 3.55 -32.88
CA ASN A 183 6.99 4.19 -33.72
C ASN A 183 6.52 3.40 -35.04
N GLY A 184 7.38 3.34 -36.07
CA GLY A 184 7.41 2.27 -37.07
C GLY A 184 8.32 1.19 -36.46
N THR A 185 9.57 1.56 -36.08
CA THR A 185 10.45 0.89 -35.00
C THR A 185 11.55 1.97 -34.46
N PRO A 186 12.70 1.56 -33.77
CA PRO A 186 13.45 2.51 -32.83
C PRO A 186 13.45 4.07 -32.97
N TYR A 187 13.63 4.72 -31.80
CA TYR A 187 13.82 6.18 -31.66
C TYR A 187 14.30 6.61 -30.22
N GLU A 188 14.77 7.86 -30.07
CA GLU A 188 15.33 8.41 -28.80
C GLU A 188 14.82 9.81 -28.39
N SER A 189 15.21 10.24 -27.18
CA SER A 189 14.76 11.51 -26.63
C SER A 189 15.65 11.89 -25.45
N PRO A 190 16.37 13.01 -25.53
CA PRO A 190 17.21 13.43 -24.42
C PRO A 190 16.39 14.35 -23.49
N VAL A 191 16.61 14.20 -22.19
CA VAL A 191 15.77 14.84 -21.17
C VAL A 191 16.68 15.26 -19.99
N ASN A 192 16.45 16.43 -19.43
CA ASN A 192 17.31 16.93 -18.34
C ASN A 192 17.07 16.33 -16.96
N TYR A 193 15.82 15.93 -16.71
CA TYR A 193 15.40 15.38 -15.43
C TYR A 193 14.36 14.30 -15.69
N TRP A 194 14.52 13.11 -15.09
CA TRP A 194 13.64 11.97 -15.35
C TRP A 194 13.29 11.21 -14.08
N MET A 195 11.99 11.02 -13.84
CA MET A 195 11.47 10.34 -12.64
C MET A 195 10.51 9.27 -13.10
N PRO A 196 10.97 8.03 -13.25
CA PRO A 196 10.03 6.97 -13.63
C PRO A 196 9.08 6.62 -12.49
N ILE A 197 7.88 6.13 -12.83
CA ILE A 197 6.89 5.73 -11.82
C ILE A 197 6.33 4.31 -11.99
N ASP A 198 6.66 3.65 -13.09
CA ASP A 198 6.00 2.45 -13.54
C ASP A 198 7.07 1.51 -14.13
N TRP A 199 6.70 0.23 -14.23
CA TRP A 199 7.57 -0.83 -14.80
C TRP A 199 7.62 -0.97 -16.32
N THR A 200 6.62 -0.45 -17.02
CA THR A 200 6.66 -0.25 -18.46
C THR A 200 7.37 1.07 -18.84
N GLY A 201 8.00 1.78 -17.91
CA GLY A 201 8.83 2.96 -18.21
C GLY A 201 7.96 4.15 -18.62
N VAL A 202 6.85 4.30 -17.92
CA VAL A 202 6.16 5.56 -17.89
C VAL A 202 6.89 6.36 -16.81
N GLY A 203 6.90 7.69 -16.95
CA GLY A 203 7.53 8.58 -15.96
C GLY A 203 7.29 10.07 -16.22
N ILE A 204 7.79 10.90 -15.33
CA ILE A 204 7.57 12.34 -15.37
C ILE A 204 8.87 13.02 -15.77
N HIS A 205 8.87 13.78 -16.88
CA HIS A 205 10.07 14.47 -17.36
C HIS A 205 9.80 15.78 -18.08
N ASP A 206 10.86 16.54 -18.31
CA ASP A 206 10.74 17.79 -19.06
C ASP A 206 10.64 17.62 -20.57
N SER A 207 10.05 18.63 -21.22
CA SER A 207 9.80 18.72 -22.66
C SER A 207 10.20 20.10 -23.20
N ASP A 208 11.35 20.21 -23.87
CA ASP A 208 11.64 21.39 -24.70
C ASP A 208 10.60 21.52 -25.79
N TRP A 209 10.24 20.38 -26.35
CA TRP A 209 9.53 20.33 -27.63
C TRP A 209 8.03 20.59 -27.51
N GLN A 210 7.48 20.63 -26.30
CA GLN A 210 6.07 20.99 -26.12
C GLN A 210 6.05 22.50 -25.87
N PRO A 211 5.42 23.27 -26.78
CA PRO A 211 5.37 24.74 -26.64
C PRO A 211 4.32 25.22 -25.61
N GLU A 212 3.19 24.52 -25.54
CA GLU A 212 2.16 24.75 -24.53
C GLU A 212 1.68 23.43 -23.97
N TYR A 213 1.11 23.53 -22.77
CA TYR A 213 0.66 22.41 -21.96
C TYR A 213 -0.75 22.69 -21.42
N GLY A 214 -1.71 21.81 -21.66
CA GLY A 214 -3.03 22.00 -21.07
C GLY A 214 -4.11 21.12 -21.65
N GLY A 215 -5.31 21.37 -21.11
CA GLY A 215 -6.58 20.63 -21.37
C GLY A 215 -6.60 19.65 -22.53
N ASP A 216 -6.82 20.10 -23.76
CA ASP A 216 -7.07 19.21 -24.91
C ASP A 216 -5.83 18.77 -25.66
N LEU A 217 -4.69 19.40 -25.37
CA LEU A 217 -3.49 19.25 -26.19
C LEU A 217 -3.09 17.80 -26.38
N TRP A 218 -3.28 16.98 -25.34
CA TRP A 218 -2.99 15.54 -25.47
C TRP A 218 -3.63 14.78 -26.64
N LYS A 219 -4.78 15.23 -27.16
CA LYS A 219 -5.47 14.40 -28.17
C LYS A 219 -4.71 14.31 -29.50
N THR A 220 -3.94 15.35 -29.79
CA THR A 220 -3.18 15.47 -31.03
C THR A 220 -1.67 15.51 -30.80
N ARG A 221 -1.20 16.27 -29.80
CA ARG A 221 0.22 16.33 -29.42
C ARG A 221 0.66 15.38 -28.23
N GLY A 222 -0.12 14.36 -27.94
CA GLY A 222 0.10 13.56 -26.73
C GLY A 222 1.38 12.74 -26.79
N SER A 223 1.86 12.35 -25.62
CA SER A 223 3.08 11.59 -25.45
C SER A 223 2.93 10.10 -25.78
N HIS A 224 3.99 9.32 -25.53
CA HIS A 224 3.91 7.85 -25.64
C HIS A 224 3.37 7.19 -24.37
N GLY A 225 3.09 7.98 -23.35
CA GLY A 225 2.68 7.47 -22.04
C GLY A 225 3.11 8.43 -20.93
N CYS A 226 4.31 8.99 -21.07
CA CYS A 226 4.94 9.81 -20.02
C CYS A 226 4.19 11.09 -19.82
N ILE A 227 4.58 11.81 -18.78
CA ILE A 227 3.95 13.03 -18.37
C ILE A 227 4.89 14.17 -18.68
N ASN A 228 4.65 14.80 -19.82
CA ASN A 228 5.45 15.93 -20.31
C ASN A 228 5.22 17.13 -19.42
N THR A 229 6.31 17.76 -19.01
CA THR A 229 6.28 18.81 -18.00
C THR A 229 7.08 20.04 -18.47
N PRO A 230 6.62 21.26 -18.11
CA PRO A 230 7.38 22.47 -18.36
C PRO A 230 8.77 22.36 -17.79
N PRO A 231 9.81 22.74 -18.56
CA PRO A 231 11.17 22.53 -18.07
C PRO A 231 11.52 23.39 -16.91
N SER A 232 11.04 24.64 -16.86
CA SER A 232 11.36 25.50 -15.70
C SER A 232 10.79 24.90 -14.43
N VAL A 233 9.63 24.28 -14.56
CA VAL A 233 8.90 23.65 -13.47
C VAL A 233 9.54 22.31 -13.08
N MET A 234 9.70 21.43 -14.07
CA MET A 234 10.29 20.08 -13.88
C MET A 234 11.59 20.11 -13.12
N LYS A 235 12.41 21.14 -13.37
CA LYS A 235 13.64 21.33 -12.61
C LYS A 235 13.27 21.59 -11.16
N GLU A 236 12.40 22.56 -10.94
CA GLU A 236 12.08 22.92 -9.58
C GLU A 236 11.45 21.71 -8.83
N LEU A 237 10.69 20.87 -9.56
CA LEU A 237 10.05 19.65 -9.03
C LEU A 237 11.07 18.60 -8.59
N PHE A 238 11.87 18.12 -9.53
CA PHE A 238 13.07 17.27 -9.25
C PHE A 238 13.89 17.75 -8.07
N GLY A 239 14.01 19.06 -7.90
CA GLY A 239 14.59 19.65 -6.70
C GLY A 239 13.95 19.26 -5.39
N MET A 240 12.62 19.29 -5.32
CA MET A 240 11.91 19.09 -4.04
C MET A 240 11.40 17.68 -3.78
N VAL A 241 11.37 16.80 -4.78
CA VAL A 241 10.68 15.50 -4.64
C VAL A 241 11.60 14.36 -4.25
N GLU A 242 11.47 13.82 -3.04
CA GLU A 242 12.27 12.64 -2.68
C GLU A 242 11.88 11.38 -3.49
N LYS A 243 12.88 10.56 -3.81
CA LYS A 243 12.67 9.24 -4.36
C LYS A 243 11.77 8.57 -3.37
N GLY A 244 10.81 7.79 -3.85
CA GLY A 244 9.86 7.06 -2.98
C GLY A 244 8.51 7.76 -2.80
N THR A 245 8.42 9.02 -3.19
CA THR A 245 7.18 9.77 -3.14
C THR A 245 6.12 9.08 -4.03
N PRO A 246 4.89 8.87 -3.52
CA PRO A 246 3.87 8.27 -4.38
C PRO A 246 3.36 9.21 -5.45
N VAL A 247 2.95 8.62 -6.57
CA VAL A 247 2.34 9.37 -7.65
C VAL A 247 1.00 8.77 -8.02
N LEU A 248 -0.09 9.51 -7.80
CA LEU A 248 -1.45 9.04 -8.13
C LEU A 248 -1.84 9.63 -9.45
N VAL A 249 -2.18 8.76 -10.40
CA VAL A 249 -2.59 9.15 -11.76
C VAL A 249 -3.98 8.60 -11.98
N PHE A 250 -4.92 9.45 -12.42
CA PHE A 250 -6.33 9.03 -12.65
C PHE A 250 -7.11 9.93 -13.62
N GLY A 251 -8.09 9.32 -14.32
CA GLY A 251 -9.10 10.03 -15.17
C GLY A 251 -10.46 9.41 -14.94
N SER A 252 -11.43 9.73 -15.79
CA SER A 252 -12.92 9.69 -15.40
C SER A 252 -13.81 8.46 -15.79
N HIS A 253 -14.38 7.74 -14.80
CA HIS A 253 -15.00 6.39 -15.05
C HIS A 253 -16.40 6.59 -15.66
N GLY B 1 -9.47 42.56 8.71
CA GLY B 1 -10.01 43.51 7.71
C GLY B 1 -11.47 43.17 7.56
N LEU B 2 -12.31 43.87 8.31
CA LEU B 2 -13.74 43.65 8.15
C LEU B 2 -14.17 43.90 6.70
N LYS B 3 -13.60 44.89 6.03
CA LYS B 3 -13.91 45.17 4.62
C LYS B 3 -13.82 43.86 3.78
N GLU B 4 -12.70 43.17 4.00
CA GLU B 4 -12.28 41.97 3.24
C GLU B 4 -13.16 40.81 3.61
N GLN B 5 -13.39 40.63 4.90
CA GLN B 5 -14.23 39.55 5.40
C GLN B 5 -15.69 39.59 4.93
N LEU B 6 -16.20 40.78 4.72
CA LEU B 6 -17.56 40.90 4.20
C LEU B 6 -17.57 40.59 2.70
N ALA B 7 -16.52 40.98 1.98
CA ALA B 7 -16.39 40.57 0.57
C ALA B 7 -16.26 39.05 0.43
N SER B 8 -15.51 38.43 1.34
CA SER B 8 -15.45 36.97 1.53
C SER B 8 -16.81 36.35 1.69
N MET B 9 -17.60 36.90 2.61
CA MET B 9 -18.95 36.37 2.86
C MET B 9 -19.79 36.47 1.60
N ASN B 10 -19.60 37.53 0.82
CA ASN B 10 -20.34 37.70 -0.43
C ASN B 10 -20.02 36.57 -1.40
N ALA B 11 -18.73 36.41 -1.63
CA ALA B 11 -18.17 35.38 -2.53
C ALA B 11 -18.65 33.99 -2.19
N ILE B 12 -18.49 33.65 -0.91
CA ILE B 12 -18.88 32.36 -0.38
C ILE B 12 -20.34 32.10 -0.71
N ALA B 13 -21.20 33.05 -0.41
CA ALA B 13 -22.63 32.86 -0.64
C ALA B 13 -22.98 32.66 -2.11
N ASN B 14 -22.13 33.22 -2.95
CA ASN B 14 -22.27 33.08 -4.40
C ASN B 14 -21.48 31.89 -5.00
N VAL B 15 -21.05 30.92 -4.20
CA VAL B 15 -20.28 29.79 -4.74
C VAL B 15 -21.21 28.73 -5.33
N LYS B 16 -20.86 28.19 -6.47
CA LYS B 16 -21.57 27.10 -7.09
C LYS B 16 -20.94 25.77 -6.60
N ALA B 17 -21.48 25.18 -5.56
CA ALA B 17 -21.01 23.91 -5.01
C ALA B 17 -21.76 22.76 -5.62
N THR B 18 -21.09 21.96 -6.44
CA THR B 18 -21.72 20.84 -7.15
C THR B 18 -21.30 19.48 -6.59
N TYR B 19 -22.25 18.58 -6.42
CA TYR B 19 -21.93 17.22 -5.96
C TYR B 19 -22.13 16.27 -7.12
N SER B 20 -21.29 15.27 -7.20
CA SER B 20 -21.55 14.12 -8.05
C SER B 20 -21.64 12.89 -7.21
N ILE B 21 -22.82 12.28 -7.14
CA ILE B 21 -23.04 11.12 -6.27
C ILE B 21 -23.81 10.06 -6.96
N ASN B 22 -23.24 8.86 -7.02
CA ASN B 22 -23.87 7.67 -7.64
C ASN B 22 -24.41 7.95 -9.04
N GLY B 23 -23.85 8.91 -9.75
CA GLY B 23 -24.30 9.21 -11.10
C GLY B 23 -25.00 10.51 -11.17
N GLU B 24 -25.91 10.78 -10.23
CA GLU B 24 -26.61 12.07 -10.18
C GLU B 24 -25.63 13.22 -9.91
N THR B 25 -25.92 14.35 -10.56
CA THR B 25 -25.19 15.59 -10.33
C THR B 25 -26.10 16.70 -9.97
N PHE B 26 -25.76 17.47 -8.97
CA PHE B 26 -26.58 18.61 -8.59
C PHE B 26 -25.79 19.68 -7.88
N GLN B 27 -26.40 20.85 -7.74
CA GLN B 27 -25.80 22.03 -7.13
C GLN B 27 -26.40 22.27 -5.75
N ILE B 28 -25.60 22.61 -4.76
CA ILE B 28 -26.15 22.90 -3.44
C ILE B 28 -26.74 24.28 -3.60
N PRO B 29 -28.01 24.46 -3.22
CA PRO B 29 -28.75 25.73 -3.39
C PRO B 29 -28.20 26.93 -2.63
N SER B 30 -28.09 28.09 -3.29
CA SER B 30 -27.63 29.33 -2.63
C SER B 30 -28.35 29.66 -1.34
N SER B 31 -29.62 29.32 -1.27
CA SER B 31 -30.40 29.55 -0.07
C SER B 31 -29.85 28.74 1.12
N ASP B 32 -29.43 27.50 0.85
CA ASP B 32 -28.82 26.64 1.87
C ASP B 32 -27.45 27.18 2.34
N ILE B 33 -26.69 27.76 1.42
CA ILE B 33 -25.40 28.31 1.79
C ILE B 33 -25.58 29.61 2.60
N MET B 34 -26.42 30.56 2.17
CA MET B 34 -26.65 31.82 2.95
C MET B 34 -27.13 31.46 4.36
N SER B 35 -27.92 30.38 4.45
CA SER B 35 -28.35 29.91 5.77
C SER B 35 -27.15 29.61 6.68
N TRP B 36 -26.28 28.77 6.14
CA TRP B 36 -25.08 28.25 6.81
C TRP B 36 -24.00 29.29 7.19
N LEU B 37 -23.83 30.34 6.39
CA LEU B 37 -22.92 31.44 6.76
C LEU B 37 -23.10 31.94 8.16
N THR B 38 -21.93 32.18 8.74
CA THR B 38 -21.72 32.66 10.10
C THR B 38 -20.55 33.65 10.19
N TYR B 39 -20.61 34.52 11.20
CA TYR B 39 -19.53 35.46 11.52
C TYR B 39 -19.58 35.68 13.01
N ASN B 40 -18.47 35.46 13.69
CA ASN B 40 -18.43 35.38 15.17
C ASN B 40 -17.01 35.64 15.65
N ASP B 41 -16.81 36.62 16.52
CA ASP B 41 -15.45 36.96 16.97
C ASP B 41 -14.55 37.19 15.79
N GLY B 42 -15.04 37.96 14.83
CA GLY B 42 -14.21 38.28 13.69
C GLY B 42 -13.83 37.17 12.73
N LYS B 43 -14.34 35.96 12.92
CA LYS B 43 -14.01 34.79 12.10
C LYS B 43 -15.23 34.47 11.18
N VAL B 44 -15.03 34.41 9.88
CA VAL B 44 -16.02 33.80 8.96
C VAL B 44 -16.01 32.27 9.01
N ASP B 45 -17.16 31.60 9.08
CA ASP B 45 -17.23 30.11 9.07
C ASP B 45 -18.61 29.69 8.57
N LEU B 46 -18.97 28.40 8.71
CA LEU B 46 -20.30 27.89 8.44
C LEU B 46 -20.80 27.13 9.68
N ASP B 47 -22.13 27.09 9.87
CA ASP B 47 -22.74 26.40 10.99
C ASP B 47 -22.55 24.88 10.82
N THR B 48 -21.58 24.31 11.50
CA THR B 48 -21.32 22.89 11.44
C THR B 48 -22.57 22.05 11.66
N GLU B 49 -23.41 22.39 12.61
CA GLU B 49 -24.58 21.58 12.89
C GLU B 49 -25.42 21.40 11.64
N GLN B 50 -25.67 22.51 10.93
CA GLN B 50 -26.46 22.53 9.69
C GLN B 50 -25.79 21.85 8.53
N VAL B 51 -24.49 22.03 8.36
CA VAL B 51 -23.78 21.37 7.25
C VAL B 51 -23.76 19.87 7.51
N ARG B 52 -23.54 19.49 8.75
CA ARG B 52 -23.56 18.10 9.10
C ARG B 52 -24.92 17.48 8.82
N GLN B 53 -26.00 18.22 9.11
CA GLN B 53 -27.34 17.72 8.72
C GLN B 53 -27.39 17.46 7.22
N TYR B 54 -27.03 18.46 6.40
CA TYR B 54 -27.02 18.29 4.94
C TYR B 54 -26.30 17.05 4.52
N VAL B 55 -25.09 16.83 5.03
CA VAL B 55 -24.31 15.68 4.65
C VAL B 55 -24.93 14.37 5.17
N THR B 56 -25.51 14.43 6.37
CA THR B 56 -26.26 13.29 6.87
C THR B 56 -27.41 12.88 5.94
N ASP B 57 -28.10 13.88 5.41
CA ASP B 57 -29.24 13.67 4.49
C ASP B 57 -28.75 13.11 3.15
N LEU B 58 -27.70 13.69 2.55
CA LEU B 58 -27.01 13.02 1.40
C LEU B 58 -26.81 11.51 1.67
N GLY B 59 -26.49 11.15 2.90
CA GLY B 59 -26.29 9.74 3.19
C GLY B 59 -27.56 8.99 3.13
N THR B 60 -28.56 9.52 3.82
CA THR B 60 -29.91 8.99 3.82
C THR B 60 -30.46 8.82 2.40
N LYS B 61 -30.41 9.88 1.58
CA LYS B 61 -30.78 9.85 0.15
C LYS B 61 -30.00 8.81 -0.67
N TYR B 62 -28.67 8.88 -0.67
CA TYR B 62 -27.84 8.20 -1.68
C TYR B 62 -27.09 6.92 -1.30
N ASN B 63 -26.84 6.70 -0.02
CA ASN B 63 -25.97 5.57 0.37
C ASN B 63 -26.47 4.27 -0.18
N THR B 64 -25.59 3.59 -0.90
CA THR B 64 -25.86 2.27 -1.43
C THR B 64 -25.83 1.17 -0.39
N SER B 65 -25.48 1.54 0.83
CA SER B 65 -25.54 0.62 1.95
C SER B 65 -26.94 0.55 2.54
N THR B 66 -27.80 1.51 2.24
CA THR B 66 -29.15 1.55 2.81
C THR B 66 -30.27 1.89 1.79
N ASN B 67 -29.92 1.92 0.50
CA ASN B 67 -30.83 2.30 -0.55
C ASN B 67 -30.64 1.30 -1.65
N ASP B 68 -31.74 0.72 -2.18
CA ASP B 68 -31.61 -0.40 -3.12
C ASP B 68 -31.18 0.15 -4.47
N THR B 69 -30.92 -0.74 -5.42
CA THR B 69 -30.39 -0.31 -6.73
C THR B 69 -31.34 -0.64 -7.88
N LYS B 70 -31.67 0.36 -8.69
CA LYS B 70 -32.50 0.06 -9.88
C LYS B 70 -31.57 -0.50 -10.92
N PHE B 71 -31.94 -1.64 -11.49
CA PHE B 71 -31.08 -2.38 -12.39
C PHE B 71 -31.87 -2.77 -13.63
N LYS B 72 -31.40 -2.35 -14.80
CA LYS B 72 -31.96 -2.78 -16.08
C LYS B 72 -31.49 -4.20 -16.41
N SER B 73 -32.35 -5.19 -16.19
CA SER B 73 -31.99 -6.56 -16.48
C SER B 73 -32.01 -6.86 -17.96
N THR B 74 -31.57 -8.06 -18.28
CA THR B 74 -31.45 -8.51 -19.62
C THR B 74 -32.83 -8.97 -20.13
N LYS B 75 -33.51 -9.78 -19.36
CA LYS B 75 -34.75 -10.42 -19.82
C LYS B 75 -36.03 -9.92 -19.14
N ARG B 76 -35.96 -8.99 -18.21
CA ARG B 76 -37.08 -8.63 -17.34
C ARG B 76 -37.33 -7.12 -17.11
N GLY B 77 -36.59 -6.27 -17.82
CA GLY B 77 -36.69 -4.83 -17.70
C GLY B 77 -36.09 -4.33 -16.40
N GLU B 78 -36.49 -3.12 -16.00
CA GLU B 78 -35.96 -2.47 -14.81
C GLU B 78 -36.60 -3.07 -13.59
N VAL B 79 -35.75 -3.69 -12.77
CA VAL B 79 -36.14 -4.19 -11.46
C VAL B 79 -35.36 -3.49 -10.37
N THR B 80 -35.77 -3.72 -9.12
CA THR B 80 -35.10 -3.21 -7.95
C THR B 80 -34.37 -4.39 -7.28
N VAL B 81 -33.03 -4.29 -7.26
CA VAL B 81 -32.13 -5.23 -6.58
C VAL B 81 -31.75 -4.66 -5.21
N PRO B 82 -32.07 -5.43 -4.15
CA PRO B 82 -31.88 -4.88 -2.81
C PRO B 82 -30.40 -4.79 -2.40
N VAL B 83 -30.17 -4.17 -1.26
CA VAL B 83 -28.85 -3.88 -0.84
C VAL B 83 -28.16 -5.21 -0.55
N GLY B 84 -26.87 -5.24 -0.85
CA GLY B 84 -26.02 -6.35 -0.52
C GLY B 84 -24.63 -5.91 -0.06
N THR B 85 -23.64 -6.72 -0.37
CA THR B 85 -22.29 -6.50 0.09
C THR B 85 -21.54 -5.45 -0.72
N TYR B 86 -21.97 -5.14 -1.94
CA TYR B 86 -21.28 -4.15 -2.74
C TYR B 86 -21.99 -2.86 -2.49
N SER B 87 -21.41 -2.05 -1.65
CA SER B 87 -22.01 -0.82 -1.23
C SER B 87 -20.99 0.15 -0.67
N TRP B 88 -21.46 1.35 -0.38
CA TRP B 88 -20.66 2.40 0.21
C TRP B 88 -21.49 3.29 1.11
N THR B 89 -20.81 3.98 2.00
CA THR B 89 -21.44 4.83 2.96
C THR B 89 -20.68 6.13 3.16
N ILE B 90 -21.37 7.25 3.08
CA ILE B 90 -20.72 8.53 3.20
C ILE B 90 -20.29 8.68 4.64
N GLN B 91 -19.05 9.07 4.84
CA GLN B 91 -18.50 9.27 6.17
C GLN B 91 -18.83 10.69 6.56
N THR B 92 -19.69 10.81 7.53
CA THR B 92 -20.35 12.09 7.73
C THR B 92 -19.43 13.18 8.20
N ASP B 93 -18.59 12.87 9.16
CA ASP B 93 -17.74 13.89 9.74
C ASP B 93 -16.60 14.29 8.82
N SER B 94 -15.97 13.31 8.15
CA SER B 94 -15.02 13.64 7.09
C SER B 94 -15.63 14.56 6.03
N GLU B 95 -16.82 14.22 5.51
CA GLU B 95 -17.41 15.00 4.43
C GLU B 95 -17.82 16.36 4.86
N THR B 96 -18.26 16.46 6.10
CA THR B 96 -18.68 17.76 6.62
C THR B 96 -17.49 18.72 6.60
N GLU B 97 -16.34 18.26 7.12
CA GLU B 97 -15.14 19.12 7.13
C GLU B 97 -14.70 19.44 5.69
N ALA B 98 -14.72 18.45 4.81
CA ALA B 98 -14.34 18.68 3.41
C ALA B 98 -15.21 19.71 2.72
N LEU B 99 -16.52 19.60 2.95
CA LEU B 99 -17.49 20.49 2.34
C LEU B 99 -17.37 21.92 2.84
N LYS B 100 -17.27 22.08 4.16
CA LYS B 100 -16.94 23.38 4.72
C LYS B 100 -15.73 24.00 4.06
N LYS B 101 -14.63 23.27 4.05
CA LYS B 101 -13.40 23.81 3.54
C LYS B 101 -13.59 24.28 2.08
N ALA B 102 -14.28 23.48 1.28
CA ALA B 102 -14.50 23.80 -0.15
C ALA B 102 -15.28 25.11 -0.36
N ILE B 103 -16.32 25.25 0.45
CA ILE B 103 -17.22 26.37 0.37
C ILE B 103 -16.52 27.61 0.89
N LEU B 104 -15.89 27.55 2.03
CA LEU B 104 -15.24 28.76 2.59
C LEU B 104 -14.08 29.25 1.71
N ALA B 105 -13.52 28.37 0.88
CA ALA B 105 -12.56 28.81 -0.13
C ALA B 105 -13.17 29.74 -1.16
N GLY B 106 -14.47 29.61 -1.38
CA GLY B 106 -15.16 30.54 -2.24
C GLY B 106 -14.82 30.37 -3.69
N GLN B 107 -14.36 29.21 -4.10
CA GLN B 107 -14.08 28.94 -5.47
C GLN B 107 -15.12 27.92 -5.86
N ASP B 108 -15.73 28.06 -7.02
CA ASP B 108 -16.70 27.08 -7.53
C ASP B 108 -16.02 25.72 -7.62
N PHE B 109 -16.77 24.64 -7.40
CA PHE B 109 -16.20 23.31 -7.29
C PHE B 109 -17.16 22.20 -7.53
N THR B 110 -16.60 21.04 -7.88
CA THR B 110 -17.37 19.79 -7.97
C THR B 110 -16.67 18.73 -7.14
N ARG B 111 -17.45 17.91 -6.42
CA ARG B 111 -16.87 16.84 -5.63
C ARG B 111 -17.76 15.62 -5.57
N SER B 112 -17.17 14.46 -5.28
CA SER B 112 -17.93 13.29 -4.85
C SER B 112 -17.53 13.03 -3.45
N PRO B 113 -18.41 12.48 -2.66
CA PRO B 113 -18.07 12.52 -1.25
C PRO B 113 -17.20 11.38 -0.78
N ILE B 114 -16.61 11.65 0.38
CA ILE B 114 -15.77 10.71 1.08
C ILE B 114 -16.62 9.57 1.63
N VAL B 115 -16.35 8.37 1.15
CA VAL B 115 -17.10 7.18 1.55
C VAL B 115 -16.21 6.04 1.99
N GLN B 116 -16.83 5.05 2.58
CA GLN B 116 -16.18 3.84 3.00
C GLN B 116 -16.96 2.73 2.37
N GLY B 117 -16.29 1.81 1.68
CA GLY B 117 -16.95 0.59 1.17
C GLY B 117 -16.36 0.03 -0.10
N GLY B 118 -17.06 -0.84 -0.77
CA GLY B 118 -16.49 -1.49 -1.95
C GLY B 118 -16.06 -0.61 -3.09
N THR B 119 -16.54 0.64 -3.19
CA THR B 119 -16.02 1.57 -4.21
C THR B 119 -16.34 3.01 -3.86
N THR B 120 -16.20 3.93 -4.80
CA THR B 120 -16.53 5.32 -4.53
C THR B 120 -17.85 5.75 -5.14
N ALA B 121 -18.25 6.97 -4.81
CA ALA B 121 -19.48 7.55 -5.28
C ALA B 121 -19.29 8.48 -6.49
N ASP B 122 -18.06 8.51 -7.02
CA ASP B 122 -17.78 9.29 -8.20
C ASP B 122 -18.38 8.71 -9.47
N HIS B 123 -19.06 7.58 -9.39
CA HIS B 123 -19.65 6.89 -10.53
C HIS B 123 -20.85 6.08 -10.04
N PRO B 124 -21.73 5.71 -10.96
CA PRO B 124 -22.83 4.87 -10.53
C PRO B 124 -22.34 3.51 -10.05
N LEU B 125 -22.99 2.96 -9.04
CA LEU B 125 -22.61 1.69 -8.46
C LEU B 125 -22.49 0.64 -9.53
N ILE B 126 -23.47 0.57 -10.44
CA ILE B 126 -23.38 -0.39 -11.54
C ILE B 126 -23.12 0.35 -12.86
N GLU B 127 -22.14 -0.09 -13.64
CA GLU B 127 -21.80 0.50 -14.92
C GLU B 127 -21.92 -0.54 -16.03
N ASP B 128 -20.96 -0.61 -16.98
CA ASP B 128 -21.06 -1.52 -18.13
C ASP B 128 -20.56 -2.95 -17.83
N THR B 129 -19.93 -3.20 -16.68
CA THR B 129 -19.33 -4.50 -16.42
C THR B 129 -19.87 -5.14 -15.14
N TYR B 130 -20.44 -6.35 -15.23
CA TYR B 130 -21.09 -7.01 -14.07
C TYR B 130 -21.55 -8.40 -14.41
N ILE B 131 -21.86 -9.17 -13.39
CA ILE B 131 -22.49 -10.44 -13.57
C ILE B 131 -23.93 -10.26 -13.15
N GLU B 132 -24.85 -10.66 -14.03
CA GLU B 132 -26.30 -10.68 -13.76
C GLU B 132 -26.73 -12.10 -13.50
N VAL B 133 -27.44 -12.34 -12.42
CA VAL B 133 -27.99 -13.66 -12.15
C VAL B 133 -29.50 -13.52 -11.98
N ASP B 134 -30.22 -13.89 -13.04
CA ASP B 134 -31.69 -13.80 -13.04
C ASP B 134 -32.16 -15.06 -12.43
N LEU B 135 -32.66 -14.98 -11.21
CA LEU B 135 -33.05 -16.20 -10.51
C LEU B 135 -34.32 -16.79 -11.07
N GLU B 136 -35.26 -15.95 -11.53
CA GLU B 136 -36.50 -16.42 -12.16
C GLU B 136 -36.22 -17.27 -13.40
N ASN B 137 -35.49 -16.72 -14.37
CA ASN B 137 -35.12 -17.48 -15.59
C ASN B 137 -33.94 -18.44 -15.37
N GLN B 138 -33.38 -18.42 -14.16
CA GLN B 138 -32.35 -19.34 -13.74
C GLN B 138 -31.17 -19.37 -14.76
N HIS B 139 -30.63 -18.17 -14.98
CA HIS B 139 -29.71 -17.89 -16.06
C HIS B 139 -28.78 -16.71 -15.64
N MET B 140 -27.56 -16.69 -16.20
CA MET B 140 -26.50 -15.78 -15.76
C MET B 140 -25.75 -15.19 -16.94
N TRP B 141 -25.46 -13.90 -16.88
CA TRP B 141 -24.66 -13.23 -17.92
C TRP B 141 -23.47 -12.56 -17.29
N TYR B 142 -22.42 -12.39 -18.07
CA TYR B 142 -21.30 -11.56 -17.69
C TYR B 142 -21.22 -10.50 -18.75
N TYR B 143 -21.48 -9.26 -18.36
CA TYR B 143 -21.42 -8.16 -19.30
C TYR B 143 -20.03 -7.58 -19.08
N LYS B 144 -19.38 -7.22 -20.18
CA LYS B 144 -18.08 -6.58 -20.17
C LYS B 144 -18.13 -5.42 -21.14
N ASP B 145 -17.80 -4.22 -20.68
CA ASP B 145 -17.92 -2.99 -21.48
C ASP B 145 -19.17 -2.91 -22.37
N GLY B 146 -20.33 -3.28 -21.80
CA GLY B 146 -21.61 -3.10 -22.45
C GLY B 146 -22.13 -4.34 -23.16
N LYS B 147 -21.22 -5.24 -23.59
CA LYS B 147 -21.58 -6.37 -24.43
C LYS B 147 -21.52 -7.62 -23.58
N VAL B 148 -22.42 -8.57 -23.87
CA VAL B 148 -22.44 -9.87 -23.20
C VAL B 148 -21.19 -10.60 -23.60
N ALA B 149 -20.38 -10.99 -22.67
CA ALA B 149 -19.19 -11.75 -23.02
C ALA B 149 -19.38 -13.22 -22.75
N LEU B 150 -20.42 -13.61 -22.06
CA LEU B 150 -20.59 -15.00 -21.72
C LEU B 150 -21.91 -15.15 -21.00
N GLU B 151 -22.59 -16.26 -21.22
CA GLU B 151 -23.87 -16.49 -20.56
C GLU B 151 -24.14 -17.95 -20.44
N THR B 152 -25.10 -18.31 -19.61
CA THR B 152 -25.33 -19.72 -19.29
C THR B 152 -26.51 -19.91 -18.33
N ASP B 153 -27.16 -21.07 -18.43
CA ASP B 153 -28.15 -21.48 -17.45
C ASP B 153 -27.34 -21.79 -16.20
N ILE B 154 -28.01 -21.77 -15.05
CA ILE B 154 -27.37 -22.09 -13.77
C ILE B 154 -28.35 -22.84 -12.87
N VAL B 155 -27.90 -23.21 -11.68
CA VAL B 155 -28.81 -23.72 -10.67
C VAL B 155 -28.60 -23.01 -9.33
N SER B 156 -29.61 -22.24 -8.93
CA SER B 156 -29.63 -21.46 -7.69
C SER B 156 -29.85 -22.41 -6.51
N GLY B 157 -30.08 -21.84 -5.34
CA GLY B 157 -30.34 -22.63 -4.14
C GLY B 157 -31.78 -23.12 -4.11
N LYS B 158 -31.95 -24.33 -3.54
CA LYS B 158 -33.25 -24.97 -3.31
C LYS B 158 -34.14 -24.15 -2.37
N PRO B 159 -35.47 -24.30 -2.46
CA PRO B 159 -36.31 -23.32 -1.76
C PRO B 159 -36.19 -23.28 -0.24
N THR B 160 -35.77 -24.37 0.40
CA THR B 160 -35.49 -24.34 1.85
C THR B 160 -34.26 -23.45 2.20
N THR B 161 -33.22 -23.47 1.35
CA THR B 161 -32.00 -22.65 1.50
C THR B 161 -31.68 -21.86 0.19
N PRO B 162 -32.45 -20.79 -0.08
CA PRO B 162 -32.42 -20.15 -1.40
C PRO B 162 -31.26 -19.21 -1.57
N THR B 163 -30.84 -18.96 -2.83
CA THR B 163 -29.87 -17.89 -3.08
C THR B 163 -30.54 -16.56 -2.78
N PRO B 164 -29.91 -15.71 -1.93
CA PRO B 164 -30.50 -14.38 -1.62
C PRO B 164 -30.27 -13.38 -2.75
N ALA B 165 -31.13 -12.39 -2.84
CA ALA B 165 -30.94 -11.34 -3.82
C ALA B 165 -30.14 -10.24 -3.19
N GLY B 166 -29.46 -9.50 -4.05
CA GLY B 166 -28.83 -8.26 -3.63
C GLY B 166 -27.73 -7.86 -4.60
N VAL B 167 -27.14 -6.71 -4.32
CA VAL B 167 -26.01 -6.19 -5.08
C VAL B 167 -24.81 -6.71 -4.36
N PHE B 168 -24.22 -7.73 -4.94
CA PHE B 168 -23.06 -8.38 -4.37
C PHE B 168 -21.84 -8.06 -5.23
N TYR B 169 -20.69 -8.64 -4.92
CA TYR B 169 -19.51 -8.57 -5.83
C TYR B 169 -18.57 -9.68 -5.58
N VAL B 170 -17.75 -9.96 -6.59
CA VAL B 170 -16.66 -10.94 -6.52
C VAL B 170 -15.54 -10.37 -5.64
N TRP B 171 -15.54 -10.77 -4.37
CA TRP B 171 -14.58 -10.23 -3.45
C TRP B 171 -13.28 -10.99 -3.40
N ASN B 172 -13.30 -12.24 -3.81
CA ASN B 172 -12.08 -12.98 -3.96
C ASN B 172 -12.18 -13.99 -5.09
N LYS B 173 -11.03 -14.43 -5.60
CA LYS B 173 -11.00 -15.63 -6.46
C LYS B 173 -10.00 -16.62 -5.90
N GLU B 174 -10.36 -17.90 -6.05
CA GLU B 174 -9.70 -19.02 -5.42
C GLU B 174 -9.78 -20.16 -6.43
N GLU B 175 -8.71 -20.92 -6.56
CA GLU B 175 -8.64 -22.08 -7.42
C GLU B 175 -8.53 -23.36 -6.55
N ASP B 176 -8.88 -24.49 -7.14
CA ASP B 176 -8.86 -25.82 -6.48
C ASP B 176 -9.12 -25.74 -4.96
N ALA B 177 -10.21 -25.08 -4.61
CA ALA B 177 -10.56 -24.88 -3.21
C ALA B 177 -11.62 -25.86 -2.82
N THR B 178 -11.93 -25.89 -1.52
CA THR B 178 -12.79 -26.92 -0.97
C THR B 178 -13.76 -26.23 -0.04
N LEU B 179 -15.06 -26.33 -0.31
CA LEU B 179 -16.05 -25.60 0.47
C LEU B 179 -16.67 -26.43 1.57
N LYS B 180 -16.97 -25.80 2.70
CA LYS B 180 -17.50 -26.45 3.91
C LYS B 180 -19.00 -26.12 4.09
N GLY B 181 -19.83 -27.07 4.54
CA GLY B 181 -21.33 -26.85 4.66
C GLY B 181 -22.04 -27.53 5.85
N THR B 182 -23.37 -27.68 5.78
CA THR B 182 -24.19 -28.32 6.87
C THR B 182 -25.45 -29.06 6.37
N ASN B 183 -25.81 -30.23 6.94
CA ASN B 183 -26.97 -31.05 6.46
C ASN B 183 -27.90 -31.77 7.56
N GLY B 184 -27.39 -32.85 8.18
CA GLY B 184 -27.76 -33.26 9.56
C GLY B 184 -26.80 -32.46 10.48
N THR B 185 -25.47 -32.60 10.24
CA THR B 185 -24.34 -31.56 10.54
C THR B 185 -23.07 -31.88 9.59
N PRO B 186 -21.77 -31.42 9.89
CA PRO B 186 -20.72 -31.19 8.80
C PRO B 186 -20.69 -31.98 7.45
N TYR B 187 -20.15 -31.30 6.42
CA TYR B 187 -19.88 -31.88 5.07
C TYR B 187 -18.96 -30.96 4.18
N GLU B 188 -18.42 -31.53 3.08
CA GLU B 188 -17.49 -30.83 2.15
C GLU B 188 -17.80 -30.97 0.64
N SER B 189 -17.06 -30.23 -0.18
CA SER B 189 -17.27 -30.20 -1.63
C SER B 189 -16.06 -29.59 -2.32
N PRO B 190 -15.34 -30.39 -3.16
CA PRO B 190 -14.17 -29.86 -3.83
C PRO B 190 -14.58 -29.26 -5.18
N VAL B 191 -13.98 -28.14 -5.55
CA VAL B 191 -14.44 -27.32 -6.67
C VAL B 191 -13.22 -26.70 -7.37
N ASN B 192 -13.23 -26.63 -8.69
CA ASN B 192 -12.05 -26.17 -9.44
C ASN B 192 -11.84 -24.67 -9.46
N TYR B 193 -12.95 -23.92 -9.40
CA TYR B 193 -12.93 -22.47 -9.46
C TYR B 193 -14.01 -21.93 -8.54
N TRP B 194 -13.69 -20.94 -7.70
CA TRP B 194 -14.64 -20.40 -6.71
C TRP B 194 -14.57 -18.90 -6.58
N MET B 195 -15.72 -18.23 -6.71
CA MET B 195 -15.84 -16.77 -6.66
C MET B 195 -16.93 -16.42 -5.66
N PRO B 196 -16.57 -16.14 -4.41
CA PRO B 196 -17.61 -15.77 -3.44
C PRO B 196 -18.13 -14.35 -3.72
N ILE B 197 -19.37 -14.09 -3.32
CA ILE B 197 -19.98 -12.77 -3.48
C ILE B 197 -20.59 -12.16 -2.21
N ASP B 198 -20.66 -12.94 -1.13
CA ASP B 198 -21.44 -12.63 0.04
C ASP B 198 -20.66 -13.06 1.28
N TRP B 199 -21.06 -12.51 2.42
CA TRP B 199 -20.45 -12.81 3.74
C TRP B 199 -20.90 -14.07 4.47
N THR B 200 -22.07 -14.60 4.10
CA THR B 200 -22.48 -15.96 4.50
C THR B 200 -21.91 -17.04 3.57
N GLY B 201 -21.00 -16.70 2.66
CA GLY B 201 -20.30 -17.67 1.82
C GLY B 201 -21.21 -18.26 0.76
N VAL B 202 -22.05 -17.41 0.20
CA VAL B 202 -22.67 -17.71 -1.07
C VAL B 202 -21.64 -17.31 -2.11
N GLY B 203 -21.66 -17.98 -3.26
CA GLY B 203 -20.75 -17.68 -4.38
C GLY B 203 -21.01 -18.48 -5.65
N ILE B 204 -20.21 -18.24 -6.67
CA ILE B 204 -20.38 -18.85 -7.97
C ILE B 204 -19.27 -19.87 -8.19
N HIS B 205 -19.62 -21.13 -8.45
CA HIS B 205 -18.62 -22.19 -8.72
C HIS B 205 -19.08 -23.27 -9.66
N ASP B 206 -18.13 -24.10 -10.09
CA ASP B 206 -18.47 -25.24 -10.95
C ASP B 206 -19.07 -26.44 -10.21
N SER B 207 -19.83 -27.24 -10.97
CA SER B 207 -20.56 -28.43 -10.52
C SER B 207 -20.34 -29.59 -11.51
N ASP B 208 -19.49 -30.54 -11.16
CA ASP B 208 -19.44 -31.85 -11.84
C ASP B 208 -20.78 -32.53 -11.69
N TRP B 209 -21.34 -32.43 -10.51
CA TRP B 209 -22.44 -33.29 -10.07
C TRP B 209 -23.82 -32.86 -10.59
N GLN B 210 -23.91 -31.68 -11.19
CA GLN B 210 -25.18 -31.26 -11.81
C GLN B 210 -25.09 -31.68 -13.28
N PRO B 211 -25.98 -32.60 -13.71
CA PRO B 211 -25.95 -33.11 -15.09
C PRO B 211 -26.58 -32.13 -16.11
N GLU B 212 -27.65 -31.44 -15.68
CA GLU B 212 -28.28 -30.37 -16.46
C GLU B 212 -28.56 -29.18 -15.54
N TYR B 213 -28.70 -28.03 -16.20
CA TYR B 213 -28.87 -26.73 -15.58
C TYR B 213 -30.02 -25.98 -16.27
N GLY B 214 -31.01 -25.52 -15.52
CA GLY B 214 -32.04 -24.70 -16.11
C GLY B 214 -33.28 -24.51 -15.28
N GLY B 215 -34.26 -23.89 -15.95
CA GLY B 215 -35.58 -23.47 -15.42
C GLY B 215 -35.99 -23.96 -14.04
N ASP B 216 -36.56 -25.17 -13.99
CA ASP B 216 -37.20 -25.68 -12.77
C ASP B 216 -36.30 -26.46 -11.84
N LEU B 217 -35.10 -26.78 -12.33
CA LEU B 217 -34.25 -27.77 -11.68
C LEU B 217 -33.98 -27.42 -10.24
N TRP B 218 -33.83 -26.14 -9.93
CA TRP B 218 -33.65 -25.73 -8.54
C TRP B 218 -34.66 -26.21 -7.50
N LYS B 219 -35.89 -26.54 -7.87
CA LYS B 219 -36.90 -26.85 -6.83
C LYS B 219 -36.61 -28.17 -6.10
N THR B 220 -35.96 -29.09 -6.82
CA THR B 220 -35.64 -30.41 -6.33
C THR B 220 -34.14 -30.67 -6.20
N ARG B 221 -33.35 -30.27 -7.22
CA ARG B 221 -31.88 -30.38 -7.21
C ARG B 221 -31.10 -29.10 -6.76
N GLY B 222 -31.76 -28.18 -6.07
CA GLY B 222 -31.17 -26.90 -5.78
C GLY B 222 -30.00 -26.97 -4.83
N SER B 223 -29.16 -25.94 -4.87
CA SER B 223 -27.97 -25.83 -4.05
C SER B 223 -28.25 -25.44 -2.59
N HIS B 224 -27.18 -25.22 -1.81
CA HIS B 224 -27.32 -24.69 -0.45
C HIS B 224 -27.41 -23.16 -0.41
N GLY B 225 -27.32 -22.53 -1.59
CA GLY B 225 -27.28 -21.08 -1.70
C GLY B 225 -26.51 -20.68 -2.94
N CYS B 226 -25.41 -21.37 -3.21
CA CYS B 226 -24.47 -20.98 -4.27
C CYS B 226 -25.10 -21.11 -5.64
N ILE B 227 -24.36 -20.65 -6.63
CA ILE B 227 -24.79 -20.64 -7.99
C ILE B 227 -23.96 -21.66 -8.76
N ASN B 228 -24.54 -22.84 -8.91
CA ASN B 228 -23.93 -23.96 -9.60
C ASN B 228 -23.83 -23.64 -11.09
N THR B 229 -22.64 -23.87 -11.65
CA THR B 229 -22.31 -23.44 -12.99
C THR B 229 -21.68 -24.60 -13.81
N PRO B 230 -21.97 -24.67 -15.12
CA PRO B 230 -21.32 -25.61 -15.99
C PRO B 230 -19.81 -25.49 -15.92
N PRO B 231 -19.09 -26.63 -15.80
CA PRO B 231 -17.65 -26.52 -15.58
C PRO B 231 -16.89 -26.01 -16.75
N SER B 232 -17.30 -26.35 -17.97
CA SER B 232 -16.58 -25.81 -19.17
C SER B 232 -16.70 -24.30 -19.21
N VAL B 233 -17.87 -23.81 -18.78
CA VAL B 233 -18.21 -22.39 -18.77
C VAL B 233 -17.53 -21.67 -17.60
N MET B 234 -17.72 -22.20 -16.38
CA MET B 234 -17.13 -21.65 -15.14
C MET B 234 -15.66 -21.37 -15.25
N LYS B 235 -14.94 -22.25 -15.95
CA LYS B 235 -13.53 -22.03 -16.24
C LYS B 235 -13.41 -20.80 -17.08
N GLU B 236 -14.13 -20.78 -18.19
CA GLU B 236 -13.98 -19.66 -19.11
C GLU B 236 -14.37 -18.32 -18.44
N LEU B 237 -15.33 -18.38 -17.50
CA LEU B 237 -15.79 -17.21 -16.70
C LEU B 237 -14.69 -16.68 -15.77
N PHE B 238 -14.27 -17.51 -14.82
CA PHE B 238 -13.06 -17.25 -13.98
C PHE B 238 -11.87 -16.70 -14.76
N GLY B 239 -11.69 -17.15 -15.99
CA GLY B 239 -10.73 -16.56 -16.92
C GLY B 239 -10.90 -15.08 -17.20
N MET B 240 -12.13 -14.63 -17.46
CA MET B 240 -12.37 -13.25 -17.90
C MET B 240 -12.78 -12.27 -16.79
N VAL B 241 -13.15 -12.75 -15.59
CA VAL B 241 -13.77 -11.88 -14.59
C VAL B 241 -12.80 -11.32 -13.56
N GLU B 242 -12.54 -10.01 -13.57
CA GLU B 242 -11.71 -9.42 -12.52
C GLU B 242 -12.36 -9.47 -11.13
N LYS B 243 -11.52 -9.66 -10.11
CA LYS B 243 -11.96 -9.56 -8.72
C LYS B 243 -12.48 -8.14 -8.63
N GLY B 244 -13.57 -7.94 -7.90
CA GLY B 244 -14.20 -6.63 -7.74
C GLY B 244 -15.41 -6.37 -8.63
N THR B 245 -15.61 -7.24 -9.62
CA THR B 245 -16.73 -7.16 -10.53
C THR B 245 -18.05 -7.31 -9.73
N PRO B 246 -19.04 -6.41 -9.94
CA PRO B 246 -20.31 -6.59 -9.21
C PRO B 246 -21.14 -7.76 -9.70
N VAL B 247 -21.91 -8.33 -8.80
CA VAL B 247 -22.82 -9.42 -9.12
C VAL B 247 -24.23 -9.09 -8.63
N LEU B 248 -25.14 -8.91 -9.56
CA LEU B 248 -26.56 -8.59 -9.23
C LEU B 248 -27.34 -9.87 -9.29
N VAL B 249 -28.01 -10.20 -8.18
CA VAL B 249 -28.80 -11.42 -8.06
C VAL B 249 -30.21 -10.99 -7.69
N PHE B 250 -31.22 -11.48 -8.43
CA PHE B 250 -32.64 -11.06 -8.20
C PHE B 250 -33.69 -12.02 -8.73
N GLY B 251 -34.82 -12.05 -8.02
CA GLY B 251 -36.05 -12.80 -8.34
C GLY B 251 -37.25 -11.92 -8.00
N SER B 252 -38.45 -12.52 -7.76
CA SER B 252 -39.73 -11.75 -7.78
C SER B 252 -40.40 -11.23 -6.47
N HIS B 253 -40.63 -9.90 -6.34
CA HIS B 253 -41.48 -9.29 -5.25
C HIS B 253 -42.98 -9.64 -5.47
N GLY C 1 39.84 -20.72 -32.20
CA GLY C 1 39.10 -21.98 -32.42
C GLY C 1 37.64 -21.64 -32.43
N LEU C 2 37.08 -21.36 -33.60
CA LEU C 2 35.70 -21.04 -33.66
C LEU C 2 34.83 -22.20 -33.09
N LYS C 3 35.21 -23.45 -33.35
CA LYS C 3 34.48 -24.60 -32.79
C LYS C 3 34.29 -24.43 -31.26
N GLU C 4 35.40 -24.08 -30.61
CA GLU C 4 35.54 -24.01 -29.15
C GLU C 4 34.78 -22.81 -28.61
N GLN C 5 34.95 -21.69 -29.29
CA GLN C 5 34.26 -20.45 -28.91
C GLN C 5 32.75 -20.51 -28.98
N LEU C 6 32.23 -21.30 -29.90
CA LEU C 6 30.79 -21.47 -29.98
C LEU C 6 30.31 -22.39 -28.86
N ALA C 7 31.08 -23.40 -28.51
CA ALA C 7 30.75 -24.23 -27.34
C ALA C 7 30.78 -23.41 -26.03
N SER C 8 31.77 -22.51 -25.92
CA SER C 8 31.83 -21.47 -24.89
C SER C 8 30.55 -20.63 -24.83
N MET C 9 30.12 -20.12 -25.98
CA MET C 9 28.91 -19.30 -26.03
C MET C 9 27.72 -20.09 -25.55
N ASN C 10 27.68 -21.39 -25.86
CA ASN C 10 26.57 -22.24 -25.43
C ASN C 10 26.52 -22.28 -23.91
N ALA C 11 27.67 -22.66 -23.34
CA ALA C 11 27.86 -22.79 -21.91
C ALA C 11 27.47 -21.54 -21.15
N ILE C 12 28.03 -20.42 -21.61
CA ILE C 12 27.80 -19.11 -21.02
C ILE C 12 26.30 -18.85 -20.95
N ALA C 13 25.61 -19.04 -22.05
CA ALA C 13 24.19 -18.74 -22.08
C ALA C 13 23.38 -19.60 -21.12
N ASN C 14 23.91 -20.79 -20.89
CA ASN C 14 23.32 -21.72 -19.95
C ASN C 14 23.85 -21.62 -18.50
N VAL C 15 24.50 -20.52 -18.12
CA VAL C 15 25.05 -20.41 -16.76
C VAL C 15 23.96 -19.95 -15.82
N LYS C 16 23.94 -20.52 -14.62
CA LYS C 16 23.04 -20.10 -13.57
C LYS C 16 23.77 -19.05 -12.73
N ALA C 17 23.50 -17.78 -13.02
CA ALA C 17 24.09 -16.66 -12.26
C ALA C 17 23.18 -16.26 -11.15
N THR C 18 23.59 -16.51 -9.91
CA THR C 18 22.76 -16.20 -8.73
C THR C 18 23.34 -15.02 -7.94
N TYR C 19 22.50 -14.10 -7.51
CA TYR C 19 22.94 -13.00 -6.66
C TYR C 19 22.42 -13.24 -5.25
N SER C 20 23.22 -12.91 -4.26
CA SER C 20 22.74 -12.82 -2.91
C SER C 20 22.96 -11.39 -2.42
N ILE C 21 21.87 -10.68 -2.15
CA ILE C 21 21.94 -9.26 -1.82
C ILE C 21 21.00 -8.96 -0.70
N ASN C 22 21.53 -8.40 0.37
CA ASN C 22 20.75 -8.03 1.57
C ASN C 22 19.85 -9.17 2.07
N GLY C 23 20.20 -10.43 1.78
CA GLY C 23 19.39 -11.54 2.23
C GLY C 23 18.54 -12.14 1.13
N GLU C 24 17.97 -11.34 0.24
CA GLU C 24 17.29 -11.88 -0.94
C GLU C 24 18.30 -12.62 -1.86
N THR C 25 17.83 -13.69 -2.46
CA THR C 25 18.56 -14.49 -3.40
C THR C 25 17.78 -14.67 -4.65
N PHE C 26 18.41 -14.49 -5.79
CA PHE C 26 17.74 -14.71 -7.06
C PHE C 26 18.67 -15.04 -8.17
N GLN C 27 18.11 -15.56 -9.26
CA GLN C 27 18.87 -15.99 -10.44
C GLN C 27 18.70 -14.96 -11.56
N ILE C 28 19.78 -14.61 -12.25
CA ILE C 28 19.64 -13.71 -13.38
C ILE C 28 19.09 -14.61 -14.46
N PRO C 29 17.99 -14.19 -15.11
CA PRO C 29 17.29 -14.98 -16.15
C PRO C 29 18.10 -15.31 -17.41
N SER C 30 18.05 -16.55 -17.87
CA SER C 30 18.73 -16.96 -19.12
C SER C 30 18.45 -16.06 -20.31
N SER C 31 17.24 -15.52 -20.37
CA SER C 31 16.86 -14.64 -21.45
C SER C 31 17.69 -13.34 -21.40
N ASP C 32 17.95 -12.83 -20.19
CA ASP C 32 18.81 -11.65 -20.03
C ASP C 32 20.27 -11.92 -20.42
N ILE C 33 20.76 -13.12 -20.16
CA ILE C 33 22.11 -13.46 -20.53
C ILE C 33 22.23 -13.65 -22.04
N MET C 34 21.33 -14.40 -22.70
CA MET C 34 21.39 -14.57 -24.20
C MET C 34 21.33 -13.21 -24.85
N SER C 35 20.56 -12.29 -24.26
CA SER C 35 20.53 -10.91 -24.77
C SER C 35 21.93 -10.30 -24.81
N TRP C 36 22.57 -10.36 -23.65
CA TRP C 36 23.90 -9.80 -23.39
C TRP C 36 25.09 -10.42 -24.20
N LEU C 37 25.03 -11.72 -24.50
CA LEU C 37 26.02 -12.35 -25.37
C LEU C 37 26.28 -11.56 -26.65
N THR C 38 27.59 -11.53 -26.93
CA THR C 38 28.23 -10.90 -28.04
C THR C 38 29.40 -11.70 -28.62
N TYR C 39 29.69 -11.48 -29.89
CA TYR C 39 30.83 -12.10 -30.57
C TYR C 39 31.25 -11.17 -31.69
N ASN C 40 32.51 -10.74 -31.70
CA ASN C 40 32.98 -9.64 -32.55
C ASN C 40 34.52 -9.71 -32.69
N ASP C 41 35.06 -9.71 -33.91
CA ASP C 41 36.48 -9.94 -34.13
C ASP C 41 36.96 -11.16 -33.37
N GLY C 42 36.24 -12.25 -33.48
CA GLY C 42 36.68 -13.47 -32.82
C GLY C 42 36.70 -13.52 -31.30
N LYS C 43 36.22 -12.47 -30.62
CA LYS C 43 36.23 -12.37 -29.17
C LYS C 43 34.77 -12.60 -28.66
N VAL C 44 34.59 -13.56 -27.77
CA VAL C 44 33.33 -13.68 -27.01
C VAL C 44 33.28 -12.67 -25.85
N ASP C 45 32.18 -11.98 -25.63
CA ASP C 45 32.07 -10.96 -24.54
C ASP C 45 30.59 -10.78 -24.17
N LEU C 46 30.28 -9.80 -23.32
CA LEU C 46 28.92 -9.39 -23.02
C LEU C 46 28.77 -7.89 -23.25
N ASP C 47 27.57 -7.45 -23.64
CA ASP C 47 27.29 -6.04 -23.93
C ASP C 47 27.36 -5.23 -22.62
N THR C 48 28.48 -4.57 -22.41
CA THR C 48 28.68 -3.76 -21.21
C THR C 48 27.53 -2.78 -20.97
N GLU C 49 27.03 -2.13 -21.99
CA GLU C 49 25.97 -1.14 -21.77
C GLU C 49 24.80 -1.78 -21.03
N GLN C 50 24.37 -2.95 -21.53
CA GLN C 50 23.24 -3.69 -20.96
C GLN C 50 23.53 -4.28 -19.55
N VAL C 51 24.73 -4.80 -19.34
CA VAL C 51 25.09 -5.35 -18.05
C VAL C 51 25.17 -4.22 -17.03
N ARG C 52 25.73 -3.11 -17.43
CA ARG C 52 25.80 -1.97 -16.56
C ARG C 52 24.41 -1.50 -16.19
N GLN C 53 23.47 -1.51 -17.13
CA GLN C 53 22.08 -1.19 -16.77
C GLN C 53 21.60 -2.12 -15.65
N TYR C 54 21.70 -3.43 -15.88
CA TYR C 54 21.29 -4.41 -14.86
C TYR C 54 21.87 -4.09 -13.50
N VAL C 55 23.18 -3.85 -13.42
CA VAL C 55 23.81 -3.58 -12.15
C VAL C 55 23.37 -2.23 -11.57
N THR C 56 23.16 -1.26 -12.43
CA THR C 56 22.61 0.00 -11.99
C THR C 56 21.24 -0.16 -11.31
N ASP C 57 20.42 -1.02 -11.91
CA ASP C 57 19.07 -1.32 -11.39
C ASP C 57 19.15 -2.06 -10.06
N LEU C 58 19.99 -3.11 -9.95
CA LEU C 58 20.31 -3.69 -8.63
C LEU C 58 20.57 -2.61 -7.58
N GLY C 59 21.23 -1.55 -7.96
CA GLY C 59 21.52 -0.50 -7.01
C GLY C 59 20.27 0.22 -6.60
N THR C 60 19.52 0.63 -7.61
CA THR C 60 18.23 1.27 -7.45
C THR C 60 17.27 0.44 -6.57
N LYS C 61 17.07 -0.84 -6.93
CA LYS C 61 16.31 -1.82 -6.12
C LYS C 61 16.81 -2.01 -4.68
N TYR C 62 18.08 -2.33 -4.49
CA TYR C 62 18.57 -2.90 -3.22
C TYR C 62 19.41 -2.03 -2.29
N ASN C 63 20.02 -0.97 -2.81
CA ASN C 63 20.95 -0.17 -1.98
C ASN C 63 20.31 0.31 -0.72
N THR C 64 20.91 -0.01 0.41
CA THR C 64 20.50 0.45 1.72
C THR C 64 20.79 1.92 1.95
N SER C 65 21.52 2.53 1.04
CA SER C 65 21.77 3.96 1.11
C SER C 65 20.60 4.76 0.52
N THR C 66 19.72 4.11 -0.23
CA THR C 66 18.59 4.81 -0.87
C THR C 66 17.24 4.09 -0.72
N ASN C 67 17.21 3.03 0.06
CA ASN C 67 16.03 2.21 0.21
C ASN C 67 15.86 1.92 1.68
N ASP C 68 14.65 2.11 2.22
CA ASP C 68 14.46 2.05 3.67
C ASP C 68 14.51 0.59 4.11
N THR C 69 14.45 0.36 5.42
CA THR C 69 14.55 -1.00 5.96
C THR C 69 13.24 -1.43 6.65
N LYS C 70 12.68 -2.54 6.19
CA LYS C 70 11.52 -3.09 6.88
C LYS C 70 12.03 -3.84 8.08
N PHE C 71 11.47 -3.56 9.23
CA PHE C 71 12.01 -3.98 10.52
C PHE C 71 10.88 -4.51 11.38
N LYS C 72 11.01 -5.76 11.83
CA LYS C 72 10.08 -6.34 12.82
C LYS C 72 10.33 -5.81 14.22
N SER C 73 9.52 -4.84 14.66
CA SER C 73 9.70 -4.22 15.97
C SER C 73 9.19 -5.12 17.06
N THR C 74 9.46 -4.69 18.28
CA THR C 74 9.16 -5.46 19.45
C THR C 74 7.69 -5.23 19.79
N LYS C 75 7.24 -3.97 19.80
CA LYS C 75 5.91 -3.68 20.25
C LYS C 75 4.87 -3.29 19.16
N ARG C 76 5.28 -3.23 17.90
CA ARG C 76 4.45 -2.63 16.84
C ARG C 76 4.36 -3.41 15.50
N GLY C 77 4.91 -4.64 15.45
CA GLY C 77 4.99 -5.43 14.20
C GLY C 77 5.97 -4.84 13.19
N GLU C 78 5.79 -5.15 11.90
CA GLU C 78 6.68 -4.69 10.84
C GLU C 78 6.43 -3.23 10.55
N VAL C 79 7.46 -2.44 10.81
CA VAL C 79 7.48 -1.02 10.48
C VAL C 79 8.61 -0.70 9.52
N THR C 80 8.61 0.53 8.99
CA THR C 80 9.61 0.99 8.05
C THR C 80 10.52 1.97 8.80
N VAL C 81 11.79 1.60 8.93
CA VAL C 81 12.87 2.49 9.42
C VAL C 81 13.62 3.10 8.23
N PRO C 82 13.62 4.44 8.15
CA PRO C 82 14.22 5.07 6.96
C PRO C 82 15.74 5.00 6.94
N VAL C 83 16.32 5.44 5.84
CA VAL C 83 17.72 5.29 5.63
C VAL C 83 18.42 6.15 6.66
N GLY C 84 19.57 5.65 7.10
CA GLY C 84 20.43 6.41 7.99
C GLY C 84 21.90 6.18 7.67
N THR C 85 22.71 6.22 8.72
CA THR C 85 24.15 6.15 8.56
C THR C 85 24.67 4.72 8.35
N TYR C 86 23.90 3.70 8.71
CA TYR C 86 24.35 2.34 8.50
C TYR C 86 23.81 1.89 7.18
N SER C 87 24.64 1.93 6.17
CA SER C 87 24.18 1.63 4.82
C SER C 87 25.32 1.24 3.88
N TRP C 88 24.97 0.83 2.67
CA TRP C 88 25.91 0.48 1.66
C TRP C 88 25.40 0.79 0.25
N THR C 89 26.33 0.87 -0.69
CA THR C 89 26.02 1.22 -2.05
C THR C 89 26.82 0.38 -3.05
N ILE C 90 26.15 -0.20 -4.02
CA ILE C 90 26.78 -1.04 -5.00
C ILE C 90 27.59 -0.13 -5.89
N GLN C 91 28.86 -0.48 -6.08
CA GLN C 91 29.76 0.26 -6.92
C GLN C 91 29.58 -0.25 -8.33
N THR C 92 29.01 0.60 -9.17
CA THR C 92 28.46 0.10 -10.41
C THR C 92 29.50 -0.44 -11.38
N ASP C 93 30.58 0.31 -11.57
CA ASP C 93 31.55 -0.10 -12.56
C ASP C 93 32.37 -1.30 -12.10
N SER C 94 32.78 -1.34 -10.82
CA SER C 94 33.39 -2.54 -10.28
C SER C 94 32.50 -3.79 -10.48
N GLU C 95 31.21 -3.69 -10.12
CA GLU C 95 30.35 -4.88 -10.18
C GLU C 95 30.07 -5.29 -11.58
N THR C 96 30.00 -4.32 -12.49
CA THR C 96 29.74 -4.64 -13.89
C THR C 96 30.88 -5.55 -14.42
N GLU C 97 32.13 -5.13 -14.17
CA GLU C 97 33.28 -5.93 -14.62
C GLU C 97 33.29 -7.30 -13.93
N ALA C 98 33.02 -7.33 -12.62
CA ALA C 98 32.98 -8.61 -11.89
C ALA C 98 31.93 -9.55 -12.40
N LEU C 99 30.73 -9.03 -12.71
CA LEU C 99 29.63 -9.84 -13.23
C LEU C 99 29.91 -10.39 -14.61
N LYS C 100 30.40 -9.53 -15.51
CA LYS C 100 30.90 -10.04 -16.79
C LYS C 100 31.89 -11.20 -16.62
N LYS C 101 32.92 -10.98 -15.82
CA LYS C 101 33.94 -11.97 -15.65
C LYS C 101 33.35 -13.29 -15.16
N ALA C 102 32.41 -13.22 -14.20
CA ALA C 102 31.76 -14.42 -13.62
C ALA C 102 31.01 -15.24 -14.66
N ILE C 103 30.27 -14.50 -15.49
CA ILE C 103 29.41 -15.08 -16.50
C ILE C 103 30.27 -15.66 -17.61
N LEU C 104 31.23 -14.91 -18.12
CA LEU C 104 32.03 -15.42 -19.24
C LEU C 104 32.88 -16.62 -18.84
N ALA C 105 33.16 -16.80 -17.56
CA ALA C 105 33.76 -18.04 -17.08
C ALA C 105 32.90 -19.26 -17.32
N GLY C 106 31.60 -19.06 -17.35
CA GLY C 106 30.71 -20.14 -17.72
C GLY C 106 30.59 -21.21 -16.68
N GLN C 107 30.89 -20.88 -15.43
CA GLN C 107 30.75 -21.85 -14.37
C GLN C 107 29.63 -21.25 -13.53
N ASP C 108 28.68 -22.08 -13.07
CA ASP C 108 27.58 -21.58 -12.23
C ASP C 108 28.15 -20.93 -10.99
N PHE C 109 27.47 -19.91 -10.46
CA PHE C 109 27.99 -19.09 -9.38
C PHE C 109 26.98 -18.36 -8.59
N THR C 110 27.36 -18.06 -7.36
CA THR C 110 26.57 -17.19 -6.48
C THR C 110 27.47 -16.10 -5.95
N ARG C 111 27.00 -14.87 -5.96
CA ARG C 111 27.86 -13.72 -5.60
C ARG C 111 27.06 -12.66 -4.88
N SER C 112 27.73 -11.87 -4.07
CA SER C 112 27.14 -10.67 -3.50
C SER C 112 27.92 -9.53 -4.02
N PRO C 113 27.31 -8.39 -4.20
CA PRO C 113 28.04 -7.43 -4.99
C PRO C 113 29.02 -6.58 -4.22
N ILE C 114 29.92 -6.00 -5.01
CA ILE C 114 30.92 -5.07 -4.53
C ILE C 114 30.24 -3.77 -4.10
N VAL C 115 30.36 -3.45 -2.82
CA VAL C 115 29.76 -2.27 -2.25
C VAL C 115 30.75 -1.42 -1.45
N GLN C 116 30.33 -0.21 -1.17
CA GLN C 116 31.09 0.73 -0.37
C GLN C 116 30.11 1.07 0.77
N GLY C 117 30.53 0.92 2.01
CA GLY C 117 29.70 1.34 3.15
C GLY C 117 29.92 0.63 4.45
N GLY C 118 29.04 0.83 5.39
CA GLY C 118 29.24 0.25 6.72
C GLY C 118 29.42 -1.25 6.84
N THR C 119 28.99 -2.02 5.85
CA THR C 119 29.18 -3.46 5.82
C THR C 119 28.94 -3.99 4.41
N THR C 120 28.82 -5.29 4.25
CA THR C 120 28.60 -5.86 2.95
C THR C 120 27.15 -6.29 2.73
N ALA C 121 26.90 -6.70 1.49
CA ALA C 121 25.60 -7.14 1.06
C ALA C 121 25.47 -8.67 1.05
N ASP C 122 26.51 -9.35 1.54
CA ASP C 122 26.44 -10.80 1.68
C ASP C 122 25.53 -11.27 2.79
N HIS C 123 24.89 -10.37 3.52
CA HIS C 123 23.97 -10.73 4.62
C HIS C 123 22.95 -9.61 4.77
N PRO C 124 21.84 -9.90 5.43
CA PRO C 124 20.89 -8.81 5.66
C PRO C 124 21.46 -7.71 6.51
N LEU C 125 21.13 -6.47 6.21
CA LEU C 125 21.67 -5.32 6.93
C LEU C 125 21.42 -5.49 8.41
N ILE C 126 20.22 -5.91 8.79
CA ILE C 126 19.89 -6.15 10.19
C ILE C 126 19.72 -7.65 10.40
N GLU C 127 20.37 -8.19 11.42
CA GLU C 127 20.27 -9.63 11.73
C GLU C 127 19.70 -9.79 13.16
N ASP C 128 20.23 -10.69 13.98
CA ASP C 128 19.73 -10.93 15.36
C ASP C 128 20.28 -9.97 16.41
N THR C 129 21.24 -9.11 16.08
CA THR C 129 21.84 -8.25 17.12
C THR C 129 21.72 -6.76 16.79
N TYR C 130 21.10 -5.96 17.65
CA TYR C 130 20.85 -4.53 17.37
C TYR C 130 20.26 -3.83 18.57
N ILE C 131 20.25 -2.51 18.52
CA ILE C 131 19.52 -1.73 19.50
C ILE C 131 18.29 -1.19 18.79
N GLU C 132 17.13 -1.42 19.39
CA GLU C 132 15.82 -0.89 18.92
C GLU C 132 15.43 0.27 19.80
N VAL C 133 15.09 1.39 19.22
CA VAL C 133 14.62 2.54 19.98
C VAL C 133 13.24 2.91 19.45
N ASP C 134 12.21 2.51 20.18
CA ASP C 134 10.82 2.76 19.78
C ASP C 134 10.53 4.12 20.34
N LEU C 135 10.46 5.11 19.48
CA LEU C 135 10.27 6.47 19.97
C LEU C 135 8.87 6.71 20.47
N GLU C 136 7.85 6.06 19.85
CA GLU C 136 6.46 6.18 20.32
C GLU C 136 6.28 5.67 21.74
N ASN C 137 6.68 4.42 22.00
CA ASN C 137 6.62 3.85 23.37
C ASN C 137 7.76 4.34 24.28
N GLN C 138 8.68 5.12 23.71
CA GLN C 138 9.73 5.79 24.44
C GLN C 138 10.53 4.77 25.30
N HIS C 139 11.03 3.76 24.59
CA HIS C 139 11.60 2.56 25.18
C HIS C 139 12.67 1.96 24.23
N MET C 140 13.64 1.24 24.79
CA MET C 140 14.83 0.77 24.07
C MET C 140 15.19 -0.65 24.44
N TRP C 141 15.53 -1.46 23.46
CA TRP C 141 15.98 -2.84 23.69
C TRP C 141 17.34 -3.05 23.06
N TYR C 142 18.11 -3.98 23.59
CA TYR C 142 19.33 -4.43 22.98
C TYR C 142 19.13 -5.90 22.78
N TYR C 143 19.06 -6.31 21.53
CA TYR C 143 18.86 -7.70 21.21
C TYR C 143 20.26 -8.21 20.92
N LYS C 144 20.54 -9.41 21.39
CA LYS C 144 21.78 -10.10 21.13
C LYS C 144 21.46 -11.51 20.77
N ASP C 145 21.96 -11.98 19.64
CA ASP C 145 21.63 -13.31 19.06
C ASP C 145 20.17 -13.74 19.24
N GLY C 146 19.24 -12.83 18.98
CA GLY C 146 17.82 -13.14 18.94
C GLY C 146 17.10 -12.78 20.21
N LYS C 147 17.79 -12.80 21.37
CA LYS C 147 17.15 -12.65 22.67
C LYS C 147 17.45 -11.25 23.19
N VAL C 148 16.49 -10.68 23.91
CA VAL C 148 16.63 -9.36 24.53
C VAL C 148 17.65 -9.52 25.63
N ALA C 149 18.71 -8.76 25.60
CA ALA C 149 19.69 -8.83 26.65
C ALA C 149 19.55 -7.68 27.60
N LEU C 150 18.75 -6.68 27.29
CA LEU C 150 18.65 -5.52 28.15
C LEU C 150 17.58 -4.62 27.58
N GLU C 151 16.82 -3.95 28.44
CA GLU C 151 15.80 -3.03 27.97
C GLU C 151 15.51 -1.96 28.97
N THR C 152 14.83 -0.91 28.57
CA THR C 152 14.67 0.26 29.44
C THR C 152 13.85 1.37 28.80
N ASP C 153 13.17 2.15 29.64
CA ASP C 153 12.50 3.37 29.18
C ASP C 153 13.64 4.32 28.86
N ILE C 154 13.37 5.33 28.04
CA ILE C 154 14.35 6.36 27.67
C ILE C 154 13.67 7.72 27.57
N VAL C 155 14.45 8.75 27.28
CA VAL C 155 13.90 10.04 26.90
C VAL C 155 14.53 10.57 25.61
N SER C 156 13.72 10.65 24.55
CA SER C 156 14.12 11.11 23.22
C SER C 156 14.25 12.62 23.24
N GLY C 157 14.42 13.21 22.06
CA GLY C 157 14.51 14.66 21.93
C GLY C 157 13.16 15.32 21.99
N LYS C 158 13.12 16.52 22.58
CA LYS C 158 11.92 17.37 22.69
C LYS C 158 11.42 17.79 21.30
N PRO C 159 10.12 18.12 21.18
CA PRO C 159 9.58 18.23 19.83
C PRO C 159 10.17 19.34 18.95
N THR C 160 10.72 20.41 19.54
CA THR C 160 11.46 21.41 18.74
C THR C 160 12.76 20.88 18.11
N THR C 161 13.47 20.00 18.83
CA THR C 161 14.72 19.33 18.37
C THR C 161 14.64 17.78 18.55
N PRO C 162 13.86 17.11 17.69
CA PRO C 162 13.48 15.71 17.94
C PRO C 162 14.55 14.72 17.55
N THR C 163 14.56 13.54 18.17
CA THR C 163 15.44 12.46 17.70
C THR C 163 14.99 12.02 16.30
N PRO C 164 15.92 12.00 15.32
CA PRO C 164 15.58 11.55 13.97
C PRO C 164 15.49 10.02 13.89
N ALA C 165 14.72 9.54 12.94
CA ALA C 165 14.61 8.11 12.74
C ALA C 165 15.59 7.73 11.72
N GLY C 166 15.99 6.47 11.77
CA GLY C 166 16.78 5.88 10.70
C GLY C 166 17.51 4.65 11.16
N VAL C 167 18.20 4.02 10.22
CA VAL C 167 19.04 2.86 10.49
C VAL C 167 20.39 3.46 10.75
N PHE C 168 20.73 3.50 12.03
CA PHE C 168 21.95 4.08 12.47
C PHE C 168 22.85 2.95 12.98
N TYR C 169 24.03 3.29 13.52
CA TYR C 169 24.86 2.31 14.24
C TYR C 169 25.80 2.98 15.17
N VAL C 170 26.26 2.20 16.14
CA VAL C 170 27.28 2.62 17.12
C VAL C 170 28.65 2.71 16.43
N TRP C 171 29.03 3.90 16.02
CA TRP C 171 30.25 4.06 15.27
C TRP C 171 31.46 4.31 16.13
N ASN C 172 31.27 4.78 17.34
CA ASN C 172 32.36 4.90 18.28
C ASN C 172 31.88 4.68 19.71
N LYS C 173 32.79 4.36 20.61
CA LYS C 173 32.50 4.42 22.05
C LYS C 173 33.57 5.26 22.74
N GLU C 174 33.14 5.97 23.78
CA GLU C 174 33.91 7.00 24.47
C GLU C 174 33.43 6.93 25.92
N GLU C 175 34.37 7.09 26.86
CA GLU C 175 34.08 7.13 28.27
C GLU C 175 34.38 8.56 28.81
N ASP C 176 33.80 8.87 29.97
CA ASP C 176 33.96 10.16 30.65
C ASP C 176 34.16 11.34 29.69
N ALA C 177 33.27 11.45 28.72
CA ALA C 177 33.38 12.50 27.72
C ALA C 177 32.43 13.62 28.06
N THR C 178 32.58 14.73 27.36
CA THR C 178 31.90 15.97 27.71
C THR C 178 31.36 16.57 26.44
N LEU C 179 30.05 16.71 26.34
CA LEU C 179 29.43 17.09 25.06
C LEU C 179 29.12 18.59 25.01
N LYS C 180 29.29 19.18 23.82
CA LYS C 180 29.09 20.62 23.60
C LYS C 180 27.74 20.85 22.84
N GLY C 181 26.94 21.88 23.19
CA GLY C 181 25.59 22.12 22.58
C GLY C 181 25.20 23.59 22.28
N THR C 182 23.90 23.89 22.12
CA THR C 182 23.39 25.27 21.84
C THR C 182 21.95 25.52 22.38
N ASN C 183 21.63 26.73 22.86
CA ASN C 183 20.24 27.08 23.33
C ASN C 183 19.67 28.53 22.95
N GLY C 184 20.22 29.58 23.58
CA GLY C 184 20.29 30.94 23.02
C GLY C 184 21.61 30.96 22.21
N THR C 185 22.75 30.63 22.86
CA THR C 185 24.03 30.03 22.22
C THR C 185 24.90 29.24 23.34
N PRO C 186 26.25 28.92 23.15
CA PRO C 186 26.91 27.78 23.90
C PRO C 186 26.45 27.21 25.27
N TYR C 187 26.76 25.92 25.46
CA TYR C 187 26.59 25.16 26.73
C TYR C 187 27.31 23.75 26.71
N GLU C 188 27.45 23.12 27.88
CA GLU C 188 28.14 21.80 28.05
C GLU C 188 27.41 20.76 28.92
N SER C 189 27.92 19.53 28.97
CA SER C 189 27.24 18.42 29.64
C SER C 189 28.19 17.24 29.80
N PRO C 190 28.51 16.86 31.04
CA PRO C 190 29.42 15.74 31.25
C PRO C 190 28.63 14.43 31.35
N VAL C 191 29.19 13.38 30.78
CA VAL C 191 28.50 12.10 30.61
C VAL C 191 29.49 10.96 30.84
N ASN C 192 29.08 9.92 31.54
CA ASN C 192 29.99 8.81 31.87
C ASN C 192 30.28 7.83 30.74
N TYR C 193 29.29 7.66 29.85
CA TYR C 193 29.37 6.72 28.74
C TYR C 193 28.67 7.32 27.54
N TRP C 194 29.29 7.31 26.36
CA TRP C 194 28.72 7.95 25.15
C TRP C 194 28.91 7.09 23.90
N MET C 195 27.81 6.83 23.19
CA MET C 195 27.81 5.97 22.00
C MET C 195 27.10 6.72 20.89
N PRO C 196 27.83 7.42 20.03
CA PRO C 196 27.16 8.12 18.92
C PRO C 196 26.63 7.16 17.87
N ILE C 197 25.59 7.58 17.17
CA ILE C 197 25.00 6.77 16.09
C ILE C 197 24.83 7.48 14.74
N ASP C 198 25.07 8.80 14.71
CA ASP C 198 24.68 9.65 13.60
C ASP C 198 25.80 10.68 13.37
N TRP C 199 25.80 11.29 12.18
CA TRP C 199 26.76 12.33 11.78
C TRP C 199 26.48 13.77 12.23
N THR C 200 25.26 14.08 12.62
CA THR C 200 24.93 15.31 13.35
C THR C 200 25.15 15.14 14.88
N GLY C 201 25.75 14.05 15.34
CA GLY C 201 26.11 13.88 16.75
C GLY C 201 24.90 13.66 17.63
N VAL C 202 23.98 12.88 17.11
CA VAL C 202 23.00 12.23 17.95
C VAL C 202 23.69 10.98 18.48
N GLY C 203 23.29 10.54 19.68
CA GLY C 203 23.83 9.32 20.30
C GLY C 203 23.14 8.90 21.59
N ILE C 204 23.58 7.80 22.16
CA ILE C 204 22.96 7.21 23.33
C ILE C 204 23.89 7.41 24.52
N HIS C 205 23.42 8.08 25.58
CA HIS C 205 24.22 8.30 26.79
C HIS C 205 23.43 8.36 28.07
N ASP C 206 24.14 8.34 29.19
CA ASP C 206 23.50 8.47 30.49
C ASP C 206 23.09 9.90 30.88
N SER C 207 22.11 9.98 31.78
CA SER C 207 21.52 11.21 32.32
C SER C 207 21.39 11.12 33.85
N ASP C 208 22.28 11.77 34.59
CA ASP C 208 22.03 12.02 36.03
C ASP C 208 20.78 12.84 36.19
N TRP C 209 20.63 13.83 35.30
CA TRP C 209 19.69 14.91 35.48
C TRP C 209 18.24 14.57 35.15
N GLN C 210 18.00 13.41 34.54
CA GLN C 210 16.63 12.97 34.29
C GLN C 210 16.22 12.09 35.48
N PRO C 211 15.21 12.53 36.25
CA PRO C 211 14.78 11.79 37.45
C PRO C 211 13.91 10.57 37.14
N GLU C 212 13.05 10.69 36.12
CA GLU C 212 12.28 9.59 35.57
C GLU C 212 12.36 9.61 34.05
N TYR C 213 12.08 8.44 33.49
CA TYR C 213 12.15 8.16 32.07
C TYR C 213 10.88 7.43 31.62
N GLY C 214 10.18 7.93 30.61
CA GLY C 214 9.06 7.20 30.07
C GLY C 214 8.13 8.02 29.21
N GLY C 215 7.01 7.37 28.88
CA GLY C 215 5.98 7.81 27.92
C GLY C 215 6.00 9.25 27.46
N ASP C 216 5.43 10.17 28.25
CA ASP C 216 5.17 11.55 27.82
C ASP C 216 6.29 12.52 28.11
N LEU C 217 7.26 12.07 28.92
CA LEU C 217 8.24 12.98 29.52
C LEU C 217 8.96 13.82 28.47
N TRP C 218 9.26 13.22 27.32
CA TRP C 218 9.89 13.98 26.24
C TRP C 218 9.24 15.29 25.79
N LYS C 219 7.94 15.48 25.97
CA LYS C 219 7.30 16.69 25.40
C LYS C 219 7.74 17.98 26.09
N THR C 220 8.10 17.86 27.37
CA THR C 220 8.49 19.00 28.19
C THR C 220 9.95 18.90 28.67
N ARG C 221 10.39 17.72 29.11
CA ARG C 221 11.79 17.47 29.49
C ARG C 221 12.72 16.83 28.40
N GLY C 222 12.35 16.94 27.13
CA GLY C 222 13.06 16.22 26.08
C GLY C 222 14.47 16.73 25.85
N SER C 223 15.28 15.87 25.24
CA SER C 223 16.67 16.17 24.94
C SER C 223 16.87 17.10 23.74
N HIS C 224 18.12 17.29 23.34
CA HIS C 224 18.46 18.03 22.11
C HIS C 224 18.44 17.15 20.88
N GLY C 225 18.17 15.85 21.05
CA GLY C 225 18.23 14.87 19.98
C GLY C 225 18.59 13.51 20.52
N CYS C 226 19.53 13.48 21.47
CA CYS C 226 20.12 12.23 21.98
C CYS C 226 19.11 11.43 22.74
N ILE C 227 19.52 10.22 23.10
CA ILE C 227 18.68 9.28 23.77
C ILE C 227 19.18 9.13 25.21
N ASN C 228 18.52 9.88 26.10
CA ASN C 228 18.84 9.89 27.53
C ASN C 228 18.48 8.56 28.14
N THR C 229 19.41 8.02 28.92
CA THR C 229 19.33 6.66 29.42
C THR C 229 19.61 6.62 30.93
N PRO C 230 18.93 5.73 31.68
CA PRO C 230 19.24 5.49 33.07
C PRO C 230 20.70 5.14 33.26
N PRO C 231 21.38 5.77 34.25
CA PRO C 231 22.82 5.56 34.34
C PRO C 231 23.21 4.18 34.77
N SER C 232 22.43 3.54 35.66
CA SER C 232 22.75 2.15 36.06
C SER C 232 22.68 1.22 34.87
N VAL C 233 21.73 1.51 33.98
CA VAL C 233 21.46 0.73 32.77
C VAL C 233 22.53 1.03 31.69
N MET C 234 22.70 2.32 31.38
CA MET C 234 23.66 2.79 30.37
C MET C 234 25.04 2.22 30.55
N LYS C 235 25.47 2.07 31.80
CA LYS C 235 26.74 1.41 32.11
C LYS C 235 26.64 -0.02 31.66
N GLU C 236 25.61 -0.72 32.10
CA GLU C 236 25.53 -2.13 31.78
C GLU C 236 25.44 -2.33 30.25
N LEU C 237 24.82 -1.38 29.54
CA LEU C 237 24.69 -1.38 28.06
C LEU C 237 26.04 -1.25 27.37
N PHE C 238 26.70 -0.12 27.58
CA PHE C 238 28.12 0.12 27.18
C PHE C 238 29.03 -1.08 27.45
N GLY C 239 28.80 -1.78 28.55
CA GLY C 239 29.45 -3.07 28.81
C GLY C 239 29.28 -4.14 27.75
N MET C 240 28.06 -4.34 27.29
CA MET C 240 27.76 -5.49 26.40
C MET C 240 27.71 -5.17 24.90
N VAL C 241 27.72 -3.87 24.51
CA VAL C 241 27.44 -3.52 23.11
C VAL C 241 28.72 -3.29 22.31
N GLU C 242 29.01 -4.17 21.35
CA GLU C 242 30.17 -3.93 20.47
C GLU C 242 29.98 -2.72 19.55
N LYS C 243 31.08 -2.00 19.31
CA LYS C 243 31.09 -0.93 18.31
C LYS C 243 30.67 -1.62 17.05
N GLY C 244 29.86 -0.95 16.23
CA GLY C 244 29.38 -1.51 14.96
C GLY C 244 27.96 -2.09 15.01
N THR C 245 27.45 -2.29 16.22
CA THR C 245 26.09 -2.74 16.44
C THR C 245 25.09 -1.73 15.81
N PRO C 246 24.11 -2.21 15.01
CA PRO C 246 23.12 -1.30 14.45
C PRO C 246 22.13 -0.77 15.45
N VAL C 247 21.66 0.43 15.21
CA VAL C 247 20.64 1.07 16.05
C VAL C 247 19.48 1.54 15.20
N LEU C 248 18.31 0.93 15.40
CA LEU C 248 17.10 1.31 14.63
C LEU C 248 16.27 2.22 15.50
N VAL C 249 15.99 3.42 14.98
CA VAL C 249 15.22 4.44 15.68
C VAL C 249 14.02 4.78 14.82
N PHE C 250 12.81 4.75 15.40
CA PHE C 250 11.55 5.03 14.64
C PHE C 250 10.35 5.43 15.49
N GLY C 251 9.47 6.25 14.90
CA GLY C 251 8.16 6.66 15.49
C GLY C 251 7.10 6.75 14.38
N SER C 252 6.19 7.72 14.46
CA SER C 252 4.92 7.76 13.66
C SER C 252 4.84 8.57 12.32
N HIS C 253 4.50 7.90 11.19
CA HIS C 253 4.53 8.50 9.84
C HIS C 253 3.32 9.41 9.64
C5 P3G D . -15.70 -6.28 5.28
C6 P3G D . -14.70 -6.21 4.10
O3 P3G D . -14.89 -7.33 3.16
C7 P3G D . -13.88 -7.96 2.29
C8 P3G D . -13.20 -9.22 2.94
O4 P3G D . -13.82 -10.52 3.10
C9 P3G D . -13.41 -11.30 4.26
C10 P3G D . -14.52 -11.54 5.32
O5 P3G D . -14.08 -11.26 6.67
C11 P3G D . -12.98 -12.01 7.25
C12 P3G D . -12.48 -11.33 8.55
O6 P3G D . -11.06 -11.02 8.67
C13 P3G D . -10.60 -9.67 9.09
C14 P3G D . -11.34 -8.74 10.13
O7 P3G D . -11.46 -7.29 9.83
C15 P3G D . -12.22 -6.51 10.84
C16 P3G D . -12.76 -5.11 10.51
OAC NXL E . 6.22 6.99 -22.02
CAN NXL E . 7.37 7.38 -21.75
N NXL E . 8.45 6.90 -22.64
CAJ NXL E . 9.84 7.31 -22.41
CA NXL E . 8.20 6.06 -23.81
C NXL E . 8.72 4.64 -23.67
O NXL E . 9.68 4.39 -22.93
NAA NXL E . 8.06 3.60 -24.48
CB NXL E . 8.78 6.68 -25.05
CAH NXL E . 10.14 7.31 -24.88
CAO NXL E . 10.39 8.08 -23.62
NAK NXL E . 10.01 9.53 -23.65
OAL NXL E . 8.82 9.83 -24.26
SAR NXL E . 8.46 11.10 -25.00
OAD NXL E . 9.63 11.66 -25.76
OAE NXL E . 8.03 12.12 -24.02
OAG NXL E . 7.31 10.77 -25.92
C1 GOL F . -11.24 0.19 -3.22
O1 GOL F . -12.20 1.18 -3.75
C2 GOL F . -11.74 -1.16 -2.58
O2 GOL F . -11.75 -1.02 -1.15
C3 GOL F . -10.90 -2.46 -2.84
O3 GOL F . -11.24 -3.41 -3.90
C1 GOL G . 0.11 -17.08 29.17
O1 GOL G . 0.98 -17.60 28.15
C2 GOL G . 0.59 -15.75 29.78
O2 GOL G . -0.33 -15.44 30.84
C3 GOL G . 2.03 -15.77 30.30
O3 GOL G . 2.45 -17.07 30.77
CL CL H . 10.54 -4.35 -11.45
OAC NXL I . -23.87 -21.66 -0.90
CAN NXL I . -22.70 -22.02 -1.03
N NXL I . -22.15 -22.87 0.04
CAJ NXL I . -20.79 -23.37 -0.07
CA NXL I . -22.99 -23.30 1.17
C NXL I . -23.37 -22.24 2.21
O NXL I . -22.83 -22.34 3.30
NAA NXL I . -24.35 -21.15 1.97
CB NXL I . -22.34 -24.50 1.87
CAH NXL I . -21.83 -25.47 0.85
CAO NXL I . -20.90 -24.91 -0.19
NAK NXL I . -21.18 -25.43 -1.59
OAL NXL I . -22.46 -25.78 -1.96
SAR NXL I . -22.95 -26.90 -2.88
OAD NXL I . -22.16 -28.15 -2.65
OAE NXL I . -22.89 -26.46 -4.30
OAG NXL I . -24.41 -27.14 -2.71
C5 P3G J . -35.11 10.76 -2.80
C6 P3G J . -35.70 12.18 -3.13
O3 P3G J . -35.25 13.26 -2.26
C7 P3G J . -35.86 14.57 -2.18
C8 P3G J . -34.79 15.68 -2.20
O4 P3G J . -35.01 16.84 -1.34
C9 P3G J . -33.87 17.41 -0.64
C10 P3G J . -33.19 16.37 0.31
O5 P3G J . -32.60 16.84 1.55
C11 P3G J . -31.33 17.49 1.55
C12 P3G J . -30.13 16.64 1.08
O6 P3G J . -30.17 16.19 -0.30
C13 P3G J . -29.95 17.10 -1.41
C14 P3G J . -30.56 16.36 -2.60
O7 P3G J . -30.14 16.79 -3.90
C15 P3G J . -31.08 16.48 -4.97
C16 P3G J . -31.28 17.59 -6.01
C1 GOL K . -25.79 -7.37 3.06
O1 GOL K . -26.79 -8.39 3.22
C2 GOL K . -24.97 -7.15 4.33
O2 GOL K . -23.85 -8.04 4.35
C3 GOL K . -24.35 -5.76 4.42
O3 GOL K . -25.38 -4.76 4.38
C1 GOL L . -27.16 -0.71 -17.95
O1 GOL L . -25.96 -1.00 -18.67
C2 GOL L . -26.85 -1.14 -16.51
O2 GOL L . -26.08 -0.09 -15.87
C3 GOL L . -28.17 -1.47 -15.82
O3 GOL L . -28.27 -1.29 -14.40
C1 GOL M . -37.64 -16.46 -6.23
O1 GOL M . -38.10 -15.90 -7.49
C2 GOL M . -36.77 -17.75 -6.36
O2 GOL M . -36.38 -17.92 -7.77
C3 GOL M . -35.60 -17.73 -5.29
O3 GOL M . -34.73 -18.88 -5.03
C1 GOL N . -11.66 36.43 -1.56
O1 GOL N . -12.38 37.68 -1.50
C2 GOL N . -12.51 35.29 -0.92
O2 GOL N . -13.39 34.65 -1.90
C3 GOL N . -11.65 34.24 -0.16
O3 GOL N . -12.53 33.19 0.28
OAC NXL O . 21.95 15.33 20.89
CAN NXL O . 22.80 15.15 21.77
N NXL O . 23.66 16.25 22.17
CAJ NXL O . 24.67 16.00 23.20
CA NXL O . 23.55 17.58 21.58
C NXL O . 24.18 17.58 20.19
O NXL O . 25.13 16.84 19.99
NAA NXL O . 23.66 18.44 19.13
CB NXL O . 24.18 18.68 22.44
CAH NXL O . 24.06 18.36 23.90
CAO NXL O . 24.59 17.03 24.35
NAK NXL O . 23.88 16.50 25.55
OAL NXL O . 22.57 16.24 25.40
SAR NXL O . 21.61 16.52 26.54
OAD NXL O . 22.38 17.00 27.70
OAE NXL O . 20.89 15.27 26.84
OAG NXL O . 20.60 17.55 26.15
C5 P3G P . 12.70 -4.82 -4.90
C6 P3G P . 12.36 -3.42 -5.52
O3 P3G P . 11.47 -3.41 -6.71
C7 P3G P . 11.63 -2.66 -7.98
C8 P3G P . 12.28 -1.24 -8.07
O4 P3G P . 13.33 -1.12 -9.12
C9 P3G P . 12.97 -1.29 -10.53
C10 P3G P . 14.07 -1.86 -11.48
O5 P3G P . 13.56 -2.92 -12.35
C11 P3G P . 14.54 -3.75 -13.01
C12 P3G P . 15.08 -4.88 -12.08
O6 P3G P . 16.32 -5.50 -12.46
C13 P3G P . 17.11 -6.19 -11.44
C14 P3G P . 16.69 -7.66 -11.23
O7 P3G P . 16.20 -7.93 -9.90
C15 P3G P . 15.60 -9.24 -9.74
C16 P3G P . 14.62 -9.35 -8.59
C1 GOL Q . 35.90 -21.89 -20.47
O1 GOL Q . 36.88 -21.69 -21.49
C2 GOL Q . 34.51 -21.60 -21.06
O2 GOL Q . 34.04 -20.31 -20.63
C3 GOL Q . 33.47 -22.65 -20.67
O3 GOL Q . 33.26 -23.44 -21.86
C1 GOL R . 14.32 -7.47 12.49
O1 GOL R . 13.83 -6.78 11.30
C2 GOL R . 13.98 -8.98 12.48
O2 GOL R . 14.18 -9.50 11.15
C3 GOL R . 14.83 -9.77 13.45
O3 GOL R . 15.98 -10.26 12.73
#